data_5CPL
#
_entry.id   5CPL
#
_cell.length_a   56.800
_cell.length_b   83.820
_cell.length_c   155.880
_cell.angle_alpha   90.00
_cell.angle_beta   90.00
_cell.angle_gamma   90.00
#
_symmetry.space_group_name_H-M   'P 2 21 21'
#
loop_
_entity.id
_entity.type
_entity.pdbx_description
1 polymer 'Xenobiotic reductase'
2 non-polymer 1-benzyl-1,4,5,6-tetrahydropyridine-3-carboxamide
3 non-polymer 1-DEOXY-1-(7,8-DIMETHYL-2,4-DIOXO-3,4-DIHYDRO-2H-BENZO[G]PTERIDIN-1-ID-10(5H)-YL)-5-O-PHOSPHONATO-D-RIBITOL
4 non-polymer 'CALCIUM ION'
5 water water
#
_entity_poly.entity_id   1
_entity_poly.type   'polypeptide(L)'
_entity_poly.pdbx_seq_one_letter_code
;MSALFEPYTLKDVTLRNRIAIPPMCQYMAEDGLINDWHQVHYASMARGGAGLLVVEATAVAPEGRITPGCAGIWSDAHAQ
AFVPVVQAIKAAGSVPGIQIAHAGRKASANRPWEGDDHIGADDARGWETIAPSAIAFGAHLPNVPRAMTLDDIARVKQDF
VDAARRARDAGFEWIELHFAHGYLGQSFFSEHSNKRTDAYGGSFDNRSRFLLETLAAVREVWPENLPLTARFGVLEYDGR
DEQTLEESIELARRFKAGGLDLLSVSVGFTIPETNIPWGPAFMGPIAERVRREAKLPVTSAWGFGTPQLAEAALQANQLD
LVSVGRAHLADPHWAYFAAKELGVEKASWTLPAPYAHWLERYRRPHHHHHH
;
_entity_poly.pdbx_strand_id   A,B
#
# COMPACT_ATOMS: atom_id res chain seq x y z
N SER A 2 -14.22 20.85 4.56
CA SER A 2 -14.21 19.70 5.47
C SER A 2 -13.22 19.92 6.60
N ALA A 3 -13.70 19.81 7.83
CA ALA A 3 -12.83 19.96 8.99
C ALA A 3 -11.73 18.91 8.98
N LEU A 4 -12.06 17.73 8.47
CA LEU A 4 -11.11 16.62 8.45
C LEU A 4 -9.90 16.93 7.58
N PHE A 5 -10.08 17.81 6.59
CA PHE A 5 -8.98 18.10 5.68
C PHE A 5 -8.37 19.48 5.89
N GLU A 6 -8.57 20.03 7.08
CA GLU A 6 -7.89 21.24 7.51
C GLU A 6 -6.52 20.89 8.07
N PRO A 7 -5.49 21.67 7.71
CA PRO A 7 -4.18 21.42 8.30
C PRO A 7 -4.17 21.66 9.81
N TYR A 8 -3.15 21.15 10.49
CA TYR A 8 -3.00 21.30 11.93
C TYR A 8 -1.56 21.57 12.24
N THR A 9 -1.30 22.58 13.07
CA THR A 9 0.07 22.92 13.46
C THR A 9 0.22 22.76 14.96
N LEU A 10 1.31 22.11 15.36
CA LEU A 10 1.62 21.91 16.75
C LEU A 10 3.12 21.98 16.88
N LYS A 11 3.60 22.87 17.73
CA LYS A 11 5.03 23.22 17.76
C LYS A 11 5.46 23.52 16.33
N ASP A 12 6.58 22.98 15.85
CA ASP A 12 7.06 23.29 14.49
C ASP A 12 6.50 22.38 13.41
N VAL A 13 5.59 21.48 13.77
CA VAL A 13 5.10 20.48 12.85
C VAL A 13 3.74 20.87 12.30
N THR A 14 3.58 20.78 11.00
CA THR A 14 2.28 20.98 10.36
C THR A 14 1.86 19.69 9.67
N LEU A 15 0.65 19.25 10.01
CA LEU A 15 0.00 18.11 9.39
C LEU A 15 -0.92 18.60 8.30
N ARG A 16 -0.95 17.89 7.17
CA ARG A 16 -1.71 18.37 6.01
C ARG A 16 -3.23 18.19 6.17
N ASN A 17 -3.63 17.37 7.13
CA ASN A 17 -5.04 17.20 7.45
C ASN A 17 -5.15 16.69 8.88
N ARG A 18 -6.38 16.41 9.34
CA ARG A 18 -6.62 15.99 10.71
C ARG A 18 -6.73 14.46 10.87
N ILE A 19 -6.31 13.72 9.85
CA ILE A 19 -6.32 12.26 9.88
C ILE A 19 -5.00 11.76 10.44
N ALA A 20 -5.05 11.09 11.59
CA ALA A 20 -3.91 10.41 12.16
C ALA A 20 -4.08 8.92 12.03
N ILE A 21 -3.00 8.23 11.68
CA ILE A 21 -2.98 6.79 11.78
C ILE A 21 -2.35 6.48 13.12
N PRO A 22 -3.13 5.87 14.03
CA PRO A 22 -2.61 5.56 15.35
C PRO A 22 -1.70 4.38 15.34
N PRO A 23 -0.90 4.24 16.40
CA PRO A 23 0.01 3.10 16.43
C PRO A 23 -0.73 1.78 16.32
N MET A 24 -0.26 0.89 15.45
CA MET A 24 -0.85 -0.44 15.32
C MET A 24 0.24 -1.49 15.17
N CYS A 25 0.47 -2.23 16.26
CA CYS A 25 1.40 -3.37 16.25
C CYS A 25 1.16 -4.29 15.07
N GLN A 26 2.24 -4.68 14.41
CA GLN A 26 2.21 -5.58 13.25
C GLN A 26 2.67 -7.00 13.61
N TYR A 27 3.36 -7.13 14.73
CA TYR A 27 3.87 -8.42 15.22
C TYR A 27 4.73 -9.14 14.19
N MET A 28 5.48 -8.37 13.38
CA MET A 28 6.29 -8.93 12.30
C MET A 28 7.79 -8.69 12.43
N ALA A 29 8.22 -8.14 13.58
CA ALA A 29 9.64 -7.88 13.79
C ALA A 29 10.29 -9.11 14.38
N GLU A 30 11.61 -9.16 14.26
CA GLU A 30 12.38 -10.29 14.79
C GLU A 30 13.46 -9.70 15.68
N ASP A 31 13.46 -10.10 16.96
CA ASP A 31 14.40 -9.54 17.94
C ASP A 31 14.35 -8.02 17.93
N GLY A 32 13.12 -7.48 17.78
CA GLY A 32 12.90 -6.04 17.79
C GLY A 32 13.15 -5.32 16.47
N LEU A 33 13.77 -5.99 15.52
CA LEU A 33 14.20 -5.35 14.29
C LEU A 33 13.08 -5.35 13.27
N ILE A 34 12.71 -4.19 12.77
CA ILE A 34 11.69 -4.14 11.74
C ILE A 34 12.32 -4.51 10.40
N ASN A 35 11.48 -4.68 9.38
CA ASN A 35 11.94 -5.27 8.13
C ASN A 35 11.03 -4.83 6.97
N ASP A 36 11.05 -5.56 5.86
CA ASP A 36 10.29 -5.16 4.69
C ASP A 36 8.78 -5.17 4.90
N TRP A 37 8.30 -5.94 5.86
CA TRP A 37 6.88 -5.90 6.17
C TRP A 37 6.53 -4.46 6.50
N HIS A 38 7.26 -3.91 7.46
CA HIS A 38 6.98 -2.59 8.02
C HIS A 38 7.24 -1.52 6.97
N GLN A 39 8.31 -1.67 6.20
CA GLN A 39 8.68 -0.66 5.24
C GLN A 39 7.53 -0.36 4.29
N VAL A 40 6.99 -1.42 3.70
CA VAL A 40 5.89 -1.29 2.73
C VAL A 40 4.60 -0.87 3.43
N HIS A 41 4.31 -1.50 4.55
CA HIS A 41 3.12 -1.19 5.34
C HIS A 41 3.01 0.31 5.62
N TYR A 42 4.07 0.88 6.18
CA TYR A 42 4.03 2.28 6.58
C TYR A 42 4.09 3.20 5.37
N ALA A 43 4.91 2.87 4.38
CA ALA A 43 5.04 3.76 3.23
C ALA A 43 3.72 3.86 2.46
N SER A 44 3.04 2.73 2.32
CA SER A 44 1.80 2.69 1.56
C SER A 44 0.69 3.49 2.27
N MET A 45 0.55 3.33 3.58
CA MET A 45 -0.43 4.14 4.31
C MET A 45 -0.11 5.63 4.25
N ALA A 46 1.15 6.00 4.33
CA ALA A 46 1.52 7.40 4.25
C ALA A 46 1.16 8.00 2.90
N ARG A 47 1.40 7.24 1.84
CA ARG A 47 1.00 7.68 0.51
C ARG A 47 -0.52 7.81 0.35
N GLY A 48 -1.25 7.10 1.21
CA GLY A 48 -2.70 7.13 1.22
C GLY A 48 -3.32 8.46 1.59
N GLY A 49 -2.54 9.34 2.22
CA GLY A 49 -2.95 10.71 2.44
C GLY A 49 -3.03 11.19 3.88
N ALA A 50 -2.99 10.29 4.85
CA ALA A 50 -3.07 10.71 6.25
C ALA A 50 -2.00 11.74 6.56
N GLY A 51 -2.34 12.73 7.37
CA GLY A 51 -1.37 13.75 7.75
C GLY A 51 -0.33 13.32 8.75
N LEU A 52 -0.66 12.35 9.60
CA LEU A 52 0.26 11.90 10.63
C LEU A 52 0.21 10.39 10.69
N LEU A 53 1.38 9.76 10.78
CA LEU A 53 1.42 8.32 10.92
C LEU A 53 2.28 7.98 12.14
N VAL A 54 1.63 7.51 13.21
CA VAL A 54 2.35 7.10 14.39
C VAL A 54 2.68 5.62 14.29
N VAL A 55 3.97 5.32 14.23
CA VAL A 55 4.45 3.96 14.20
C VAL A 55 4.05 3.24 15.50
N GLU A 56 3.76 1.94 15.34
CA GLU A 56 3.33 1.03 16.38
C GLU A 56 4.15 1.08 17.68
N ALA A 57 3.53 0.63 18.77
CA ALA A 57 4.22 0.44 20.05
C ALA A 57 5.58 -0.21 19.84
N THR A 58 6.63 0.53 20.18
CA THR A 58 8.00 0.10 19.95
C THR A 58 8.68 0.03 21.33
N ALA A 59 9.14 -1.17 21.69
CA ALA A 59 9.64 -1.41 23.05
C ALA A 59 10.95 -0.69 23.38
N VAL A 60 11.00 -0.09 24.57
CA VAL A 60 12.21 0.59 25.05
C VAL A 60 13.23 -0.39 25.60
N ALA A 61 12.80 -1.62 25.80
CA ALA A 61 13.65 -2.67 26.35
C ALA A 61 13.10 -4.01 25.88
N PRO A 62 13.95 -5.04 25.80
CA PRO A 62 13.44 -6.31 25.26
C PRO A 62 12.23 -6.89 26.00
N GLU A 63 12.21 -6.81 27.32
CA GLU A 63 11.12 -7.39 28.09
C GLU A 63 9.87 -6.53 28.04
N GLY A 64 9.99 -5.36 27.41
CA GLY A 64 8.86 -4.46 27.25
C GLY A 64 8.10 -4.65 25.94
N ARG A 65 8.56 -5.53 25.06
CA ARG A 65 7.72 -6.00 23.95
C ARG A 65 6.46 -6.66 24.48
N ILE A 66 5.36 -6.59 23.72
CA ILE A 66 4.21 -7.44 24.06
C ILE A 66 4.52 -8.89 23.68
N THR A 67 5.08 -9.06 22.50
CA THR A 67 5.23 -10.37 21.88
C THR A 67 6.60 -10.52 21.23
N PRO A 68 6.93 -11.75 20.82
CA PRO A 68 8.19 -11.92 20.08
C PRO A 68 8.24 -11.24 18.73
N GLY A 69 7.10 -10.74 18.25
CA GLY A 69 7.08 -10.02 17.00
C GLY A 69 7.09 -8.51 17.12
N CYS A 70 7.18 -7.99 18.33
CA CYS A 70 7.08 -6.56 18.50
C CYS A 70 8.36 -5.85 18.13
N ALA A 71 8.20 -4.64 17.60
CA ALA A 71 9.32 -3.77 17.30
C ALA A 71 9.97 -3.26 18.57
N GLY A 72 11.28 -2.98 18.46
CA GLY A 72 12.03 -2.38 19.56
C GLY A 72 12.92 -1.26 19.09
N ILE A 73 13.33 -0.43 20.06
CA ILE A 73 14.25 0.68 19.78
C ILE A 73 15.25 0.77 20.94
N TRP A 74 15.65 -0.39 21.45
CA TRP A 74 16.51 -0.45 22.66
C TRP A 74 18.02 -0.49 22.34
N SER A 75 18.38 -0.33 21.07
CA SER A 75 19.76 -0.18 20.66
C SER A 75 19.82 0.73 19.44
N ASP A 76 21.01 1.22 19.15
CA ASP A 76 21.17 2.10 18.01
C ASP A 76 20.91 1.36 16.68
N ALA A 77 21.20 0.06 16.60
CA ALA A 77 20.90 -0.70 15.39
C ALA A 77 19.38 -0.76 15.14
N HIS A 78 18.63 -0.87 16.23
CA HIS A 78 17.18 -0.91 16.13
C HIS A 78 16.67 0.42 15.58
N ALA A 79 17.24 1.52 16.08
CA ALA A 79 16.85 2.85 15.65
C ALA A 79 17.21 3.10 14.19
N GLN A 80 18.37 2.62 13.77
CA GLN A 80 18.76 2.79 12.39
C GLN A 80 17.79 2.11 11.43
N ALA A 81 17.21 0.99 11.87
CA ALA A 81 16.24 0.29 11.04
C ALA A 81 15.00 1.15 10.76
N PHE A 82 14.71 2.10 11.62
CA PHE A 82 13.54 2.92 11.43
C PHE A 82 13.77 4.05 10.43
N VAL A 83 15.04 4.39 10.17
CA VAL A 83 15.30 5.54 9.31
C VAL A 83 14.57 5.44 7.94
N PRO A 84 14.61 4.29 7.26
CA PRO A 84 13.92 4.30 5.96
C PRO A 84 12.39 4.38 6.06
N VAL A 85 11.85 3.99 7.20
CA VAL A 85 10.41 4.15 7.45
C VAL A 85 10.08 5.62 7.63
N VAL A 86 10.86 6.28 8.49
CA VAL A 86 10.72 7.70 8.68
C VAL A 86 10.77 8.44 7.36
N GLN A 87 11.81 8.14 6.58
CA GLN A 87 12.02 8.87 5.35
C GLN A 87 10.94 8.60 4.32
N ALA A 88 10.41 7.38 4.30
CA ALA A 88 9.34 7.06 3.33
C ALA A 88 8.04 7.74 3.71
N ILE A 89 7.78 7.84 5.00
CA ILE A 89 6.60 8.55 5.47
C ILE A 89 6.70 10.01 5.07
N LYS A 90 7.85 10.63 5.33
CA LYS A 90 8.09 12.03 4.93
C LYS A 90 8.02 12.24 3.42
N ALA A 91 8.59 11.32 2.66
CA ALA A 91 8.59 11.45 1.20
C ALA A 91 7.17 11.49 0.67
N ALA A 92 6.27 10.82 1.37
CA ALA A 92 4.86 10.78 0.99
C ALA A 92 4.08 12.03 1.43
N GLY A 93 4.74 12.94 2.13
CA GLY A 93 4.10 14.15 2.64
C GLY A 93 3.38 14.01 3.97
N SER A 94 3.55 12.87 4.63
CA SER A 94 2.98 12.65 5.94
C SER A 94 4.06 12.97 7.00
N VAL A 95 3.64 13.08 8.25
CA VAL A 95 4.55 13.33 9.36
C VAL A 95 4.79 12.04 10.11
N PRO A 96 6.06 11.67 10.31
CA PRO A 96 6.35 10.42 11.00
C PRO A 96 6.40 10.55 12.51
N GLY A 97 5.60 9.75 13.20
CA GLY A 97 5.65 9.70 14.65
C GLY A 97 5.94 8.29 15.12
N ILE A 98 6.24 8.13 16.40
CA ILE A 98 6.43 6.81 16.98
C ILE A 98 5.92 6.80 18.40
N GLN A 99 5.31 5.69 18.75
CA GLN A 99 4.90 5.41 20.11
C GLN A 99 5.96 4.52 20.76
N ILE A 100 6.55 5.01 21.84
CA ILE A 100 7.53 4.20 22.55
C ILE A 100 6.86 3.64 23.80
N ALA A 101 7.23 2.41 24.15
CA ALA A 101 6.36 1.58 24.99
C ALA A 101 7.10 0.58 25.87
N HIS A 102 6.38 0.14 26.89
CA HIS A 102 6.81 -0.99 27.71
C HIS A 102 5.61 -1.73 28.21
N ALA A 103 5.47 -2.98 27.79
CA ALA A 103 4.26 -3.75 27.97
C ALA A 103 4.00 -4.19 29.41
N GLY A 104 4.99 -4.06 30.31
CA GLY A 104 4.77 -4.38 31.70
C GLY A 104 4.26 -5.81 31.89
N ARG A 105 3.19 -5.98 32.67
CA ARG A 105 2.75 -7.34 33.01
C ARG A 105 2.03 -8.02 31.87
N LYS A 106 1.66 -7.26 30.83
CA LYS A 106 1.03 -7.86 29.66
C LYS A 106 2.04 -8.31 28.60
N ALA A 107 3.34 -8.21 28.91
CA ALA A 107 4.40 -8.67 28.02
C ALA A 107 4.50 -10.21 28.01
N SER A 108 5.36 -10.71 27.13
CA SER A 108 5.62 -12.14 26.97
C SER A 108 4.38 -12.90 26.57
N ALA A 109 3.68 -12.34 25.60
CA ALA A 109 2.47 -12.91 25.05
C ALA A 109 2.65 -13.39 23.61
N ASN A 110 1.79 -14.34 23.23
CA ASN A 110 1.68 -14.75 21.84
C ASN A 110 1.09 -13.67 20.93
N ARG A 111 1.46 -13.76 19.65
CA ARG A 111 0.84 -12.94 18.64
CA ARG A 111 0.85 -12.93 18.63
C ARG A 111 -0.67 -13.15 18.67
N PRO A 112 -1.45 -12.15 18.24
CA PRO A 112 -2.90 -12.28 18.44
C PRO A 112 -3.52 -13.45 17.67
N TRP A 113 -2.99 -13.78 16.52
CA TRP A 113 -3.50 -14.91 15.73
C TRP A 113 -2.83 -16.22 16.12
N GLU A 114 -2.00 -16.19 17.16
CA GLU A 114 -1.33 -17.39 17.66
C GLU A 114 -1.69 -17.64 19.12
N GLY A 115 -2.89 -17.23 19.51
CA GLY A 115 -3.43 -17.51 20.83
C GLY A 115 -3.68 -16.28 21.68
N ASP A 116 -2.90 -15.22 21.43
CA ASP A 116 -3.09 -13.94 22.10
C ASP A 116 -2.89 -14.01 23.62
N ASP A 117 -2.28 -15.09 24.10
CA ASP A 117 -2.23 -15.37 25.54
C ASP A 117 -0.81 -15.40 26.02
N HIS A 118 -0.61 -15.42 27.33
CA HIS A 118 0.74 -15.45 27.84
C HIS A 118 1.46 -16.70 27.33
N ILE A 119 2.73 -16.52 26.99
CA ILE A 119 3.54 -17.61 26.48
C ILE A 119 3.73 -18.64 27.58
N GLY A 120 3.56 -19.91 27.24
CA GLY A 120 3.60 -20.98 28.22
C GLY A 120 5.01 -21.17 28.76
N ALA A 121 5.10 -21.76 29.95
CA ALA A 121 6.39 -21.97 30.62
C ALA A 121 7.34 -22.84 29.81
N ASP A 122 6.79 -23.87 29.18
CA ASP A 122 7.57 -24.78 28.34
C ASP A 122 8.16 -24.04 27.12
N ASP A 123 7.38 -23.11 26.60
CA ASP A 123 7.72 -22.36 25.40
C ASP A 123 8.90 -21.46 25.68
N ALA A 124 9.95 -21.63 24.88
CA ALA A 124 11.24 -20.99 25.11
C ALA A 124 11.29 -19.57 24.54
N ARG A 125 10.17 -19.09 24.01
CA ARG A 125 10.13 -17.73 23.48
C ARG A 125 9.77 -16.71 24.58
N GLY A 126 9.36 -17.20 25.74
CA GLY A 126 8.85 -16.36 26.82
C GLY A 126 9.94 -15.67 27.62
N TRP A 127 9.52 -14.71 28.41
CA TRP A 127 10.41 -13.99 29.31
C TRP A 127 9.69 -13.52 30.55
N GLU A 128 10.49 -13.19 31.56
CA GLU A 128 9.97 -12.67 32.80
C GLU A 128 9.48 -11.26 32.58
N THR A 129 8.31 -10.96 33.12
CA THR A 129 7.72 -9.65 33.01
C THR A 129 7.98 -8.83 34.28
N ILE A 130 7.88 -7.51 34.15
CA ILE A 130 8.01 -6.61 35.30
C ILE A 130 6.80 -5.67 35.37
N ALA A 131 6.52 -5.20 36.59
CA ALA A 131 5.32 -4.43 36.87
C ALA A 131 5.51 -3.69 38.21
N PRO A 132 4.60 -2.76 38.52
CA PRO A 132 4.73 -2.08 39.81
C PRO A 132 4.56 -3.03 40.97
N SER A 133 3.67 -4.02 40.80
CA SER A 133 3.39 -4.99 41.86
C SER A 133 3.31 -6.39 41.29
N ALA A 134 3.61 -7.39 42.12
CA ALA A 134 3.63 -8.77 41.69
C ALA A 134 2.22 -9.33 41.66
N ILE A 135 1.45 -8.88 40.67
CA ILE A 135 0.03 -9.21 40.53
C ILE A 135 -0.26 -9.46 39.05
N ALA A 136 -0.89 -10.59 38.74
CA ALA A 136 -1.24 -10.88 37.36
C ALA A 136 -2.51 -10.15 36.91
N PHE A 137 -2.53 -9.83 35.63
CA PHE A 137 -3.72 -9.35 34.93
C PHE A 137 -4.87 -10.33 35.09
N GLY A 138 -4.56 -11.61 34.93
CA GLY A 138 -5.56 -12.65 35.02
C GLY A 138 -6.02 -13.13 33.66
N ALA A 139 -7.12 -13.88 33.64
CA ALA A 139 -7.70 -14.38 32.39
C ALA A 139 -6.64 -15.03 31.50
N HIS A 140 -6.49 -14.56 30.27
CA HIS A 140 -5.53 -15.15 29.33
C HIS A 140 -4.09 -14.67 29.52
N LEU A 141 -3.90 -13.81 30.52
CA LEU A 141 -2.56 -13.31 30.88
C LEU A 141 -2.28 -13.58 32.37
N PRO A 142 -2.13 -14.87 32.74
CA PRO A 142 -1.95 -15.26 34.13
C PRO A 142 -0.54 -15.08 34.71
N ASN A 143 0.47 -14.80 33.89
CA ASN A 143 1.83 -14.74 34.41
C ASN A 143 1.97 -13.67 35.49
N VAL A 144 2.61 -14.03 36.60
CA VAL A 144 2.85 -13.05 37.65
C VAL A 144 4.15 -12.31 37.35
N PRO A 145 4.08 -10.96 37.25
CA PRO A 145 5.31 -10.21 37.01
C PRO A 145 6.18 -10.04 38.25
N ARG A 146 7.44 -9.74 38.03
CA ARG A 146 8.35 -9.34 39.10
C ARG A 146 8.07 -7.89 39.48
N ALA A 147 7.94 -7.60 40.78
CA ALA A 147 7.72 -6.23 41.24
C ALA A 147 9.01 -5.44 41.10
N MET A 148 8.90 -4.25 40.52
CA MET A 148 10.07 -3.42 40.26
C MET A 148 10.62 -2.77 41.52
N THR A 149 11.93 -2.79 41.64
CA THR A 149 12.60 -2.05 42.70
C THR A 149 12.81 -0.60 42.24
N LEU A 150 13.27 0.26 43.14
CA LEU A 150 13.63 1.62 42.73
C LEU A 150 14.69 1.63 41.63
N ASP A 151 15.64 0.70 41.69
CA ASP A 151 16.69 0.64 40.69
C ASP A 151 16.07 0.24 39.34
N ASP A 152 15.09 -0.65 39.37
CA ASP A 152 14.37 -1.03 38.14
C ASP A 152 13.64 0.19 37.56
N ILE A 153 13.03 0.98 38.43
CA ILE A 153 12.28 2.14 37.97
C ILE A 153 13.23 3.11 37.30
N ALA A 154 14.38 3.31 37.91
CA ALA A 154 15.37 4.22 37.34
C ALA A 154 15.85 3.72 35.99
N ARG A 155 16.03 2.40 35.87
CA ARG A 155 16.50 1.80 34.62
C ARG A 155 15.48 1.95 33.50
N VAL A 156 14.21 1.69 33.81
CA VAL A 156 13.17 1.80 32.79
C VAL A 156 12.96 3.25 32.34
N LYS A 157 12.97 4.20 33.27
CA LYS A 157 12.85 5.61 32.88
C LYS A 157 13.98 5.95 31.92
N GLN A 158 15.19 5.49 32.25
CA GLN A 158 16.34 5.79 31.41
C GLN A 158 16.18 5.13 30.04
N ASP A 159 15.56 3.95 29.99
CA ASP A 159 15.33 3.30 28.71
C ASP A 159 14.35 4.13 27.87
N PHE A 160 13.35 4.72 28.50
CA PHE A 160 12.47 5.62 27.76
C PHE A 160 13.24 6.83 27.24
N VAL A 161 14.10 7.39 28.08
CA VAL A 161 14.91 8.52 27.63
C VAL A 161 15.76 8.12 26.45
N ASP A 162 16.46 6.99 26.57
CA ASP A 162 17.30 6.53 25.50
C ASP A 162 16.49 6.32 24.22
N ALA A 163 15.30 5.75 24.35
CA ALA A 163 14.45 5.49 23.21
C ALA A 163 14.04 6.80 22.51
N ALA A 164 13.73 7.82 23.31
CA ALA A 164 13.36 9.12 22.76
C ALA A 164 14.51 9.76 22.00
N ARG A 165 15.73 9.65 22.55
CA ARG A 165 16.92 10.16 21.87
C ARG A 165 17.11 9.44 20.55
N ARG A 166 16.95 8.12 20.56
CA ARG A 166 17.08 7.34 19.34
C ARG A 166 16.01 7.69 18.31
N ALA A 167 14.79 7.87 18.78
CA ALA A 167 13.70 8.27 17.89
C ALA A 167 14.00 9.62 17.24
N ARG A 168 14.49 10.55 18.05
CA ARG A 168 14.91 11.86 17.54
C ARG A 168 15.93 11.70 16.43
N ASP A 169 16.94 10.89 16.67
CA ASP A 169 18.03 10.75 15.72
C ASP A 169 17.63 9.91 14.50
N ALA A 170 16.59 9.09 14.62
CA ALA A 170 16.03 8.41 13.47
C ALA A 170 15.23 9.37 12.57
N GLY A 171 14.87 10.53 13.10
CA GLY A 171 14.15 11.52 12.31
C GLY A 171 12.67 11.64 12.58
N PHE A 172 12.17 10.94 13.60
CA PHE A 172 10.76 11.10 13.96
C PHE A 172 10.50 12.54 14.38
N GLU A 173 9.32 13.03 14.03
CA GLU A 173 8.94 14.42 14.26
C GLU A 173 7.84 14.55 15.30
N TRP A 174 7.51 13.44 15.96
CA TRP A 174 6.34 13.34 16.80
C TRP A 174 6.56 12.11 17.67
N ILE A 175 6.49 12.26 18.99
CA ILE A 175 6.65 11.10 19.85
C ILE A 175 5.42 10.91 20.71
N GLU A 176 5.09 9.66 20.97
CA GLU A 176 3.97 9.32 21.84
C GLU A 176 4.43 8.33 22.91
N LEU A 177 4.34 8.72 24.18
CA LEU A 177 4.62 7.81 25.29
C LEU A 177 3.42 6.93 25.57
N HIS A 178 3.61 5.61 25.56
CA HIS A 178 2.51 4.69 25.72
C HIS A 178 2.18 4.45 27.20
N PHE A 179 1.31 5.30 27.74
CA PHE A 179 0.85 5.20 29.12
C PHE A 179 -0.58 4.64 29.16
N ALA A 180 -0.96 3.89 28.13
CA ALA A 180 -2.32 3.34 28.07
C ALA A 180 -2.37 1.81 27.99
N HIS A 181 -3.60 1.28 27.96
CA HIS A 181 -3.90 -0.10 27.57
C HIS A 181 -3.31 -1.14 28.51
N GLY A 182 -3.08 -0.75 29.76
CA GLY A 182 -2.73 -1.71 30.80
C GLY A 182 -1.29 -2.14 30.84
N TYR A 183 -0.46 -1.53 30.00
CA TYR A 183 0.97 -1.76 29.99
C TYR A 183 1.64 -1.00 31.14
N LEU A 184 2.96 -0.87 31.12
CA LEU A 184 3.66 -0.52 32.35
C LEU A 184 3.17 0.81 32.94
N GLY A 185 3.15 1.86 32.11
CA GLY A 185 2.71 3.17 32.57
C GLY A 185 1.28 3.19 33.11
N GLN A 186 0.33 2.66 32.35
CA GLN A 186 -1.04 2.58 32.84
C GLN A 186 -1.07 1.85 34.19
N SER A 187 -0.31 0.77 34.31
CA SER A 187 -0.40 -0.08 35.50
C SER A 187 0.19 0.60 36.75
N PHE A 188 1.08 1.57 36.57
CA PHE A 188 1.53 2.36 37.73
C PHE A 188 0.42 3.30 38.19
N PHE A 189 -0.37 3.80 37.25
CA PHE A 189 -1.44 4.73 37.64
C PHE A 189 -2.60 4.02 38.33
N SER A 190 -2.93 2.81 37.89
CA SER A 190 -4.16 2.16 38.36
C SER A 190 -4.00 1.51 39.71
N GLU A 191 -4.95 1.75 40.59
CA GLU A 191 -4.98 1.09 41.89
C GLU A 191 -5.23 -0.43 41.78
N HIS A 192 -5.72 -0.90 40.63
CA HIS A 192 -5.90 -2.34 40.42
C HIS A 192 -4.58 -3.09 40.42
N SER A 193 -3.58 -2.49 39.78
CA SER A 193 -2.30 -3.12 39.51
C SER A 193 -1.17 -2.60 40.39
N ASN A 194 -1.35 -1.41 40.95
CA ASN A 194 -0.32 -0.79 41.78
C ASN A 194 -0.71 -0.87 43.23
N LYS A 195 -0.04 -1.76 43.96
CA LYS A 195 -0.26 -1.90 45.40
C LYS A 195 0.98 -1.52 46.18
N ARG A 196 1.85 -0.74 45.56
CA ARG A 196 3.10 -0.32 46.19
C ARG A 196 2.83 0.59 47.40
N THR A 197 3.78 0.58 48.33
CA THR A 197 3.69 1.39 49.55
C THR A 197 4.86 2.35 49.64
N ASP A 198 5.66 2.40 48.57
CA ASP A 198 6.77 3.34 48.52
C ASP A 198 6.34 4.61 47.77
N ALA A 199 7.30 5.39 47.30
CA ALA A 199 7.00 6.68 46.69
C ALA A 199 6.20 6.54 45.39
N TYR A 200 6.10 5.32 44.85
CA TYR A 200 5.43 5.12 43.56
C TYR A 200 4.08 4.44 43.67
N GLY A 201 3.53 4.33 44.89
CA GLY A 201 2.15 3.90 45.04
C GLY A 201 1.46 4.41 46.30
N GLY A 202 0.15 4.20 46.40
CA GLY A 202 -0.60 4.46 47.61
C GLY A 202 -1.23 5.84 47.80
N SER A 203 -0.99 6.72 46.84
CA SER A 203 -1.68 8.00 46.76
C SER A 203 -1.76 8.40 45.28
N PHE A 204 -2.60 9.39 44.98
CA PHE A 204 -2.66 9.94 43.63
C PHE A 204 -1.31 10.48 43.18
N ASP A 205 -0.65 11.26 44.03
CA ASP A 205 0.67 11.79 43.67
C ASP A 205 1.66 10.67 43.39
N ASN A 206 1.63 9.63 44.21
CA ASN A 206 2.60 8.55 44.11
C ASN A 206 2.33 7.68 42.87
N ARG A 207 1.05 7.42 42.59
CA ARG A 207 0.69 6.62 41.42
C ARG A 207 0.98 7.41 40.15
N SER A 208 0.84 8.73 40.20
CA SER A 208 1.19 9.59 39.06
C SER A 208 2.68 9.67 38.82
N ARG A 209 3.48 9.39 39.84
CA ARG A 209 4.89 9.72 39.84
C ARG A 209 5.69 9.07 38.71
N PHE A 210 5.50 7.77 38.49
CA PHE A 210 6.26 7.11 37.42
C PHE A 210 6.00 7.81 36.08
N LEU A 211 4.74 8.18 35.84
CA LEU A 211 4.37 8.77 34.56
C LEU A 211 4.92 10.18 34.40
N LEU A 212 4.79 10.99 35.45
CA LEU A 212 5.33 12.35 35.39
C LEU A 212 6.85 12.38 35.35
N GLU A 213 7.51 11.49 36.08
CA GLU A 213 8.97 11.43 36.05
C GLU A 213 9.47 10.96 34.68
N THR A 214 8.77 10.02 34.05
CA THR A 214 9.18 9.54 32.76
C THR A 214 8.99 10.65 31.71
N LEU A 215 7.85 11.33 31.73
CA LEU A 215 7.62 12.47 30.85
C LEU A 215 8.73 13.53 31.03
N ALA A 216 9.03 13.90 32.27
CA ALA A 216 10.04 14.93 32.52
C ALA A 216 11.42 14.49 32.03
N ALA A 217 11.73 13.21 32.21
CA ALA A 217 13.02 12.67 31.79
C ALA A 217 13.14 12.71 30.26
N VAL A 218 12.07 12.32 29.58
CA VAL A 218 12.06 12.33 28.13
C VAL A 218 12.15 13.76 27.61
N ARG A 219 11.45 14.67 28.28
CA ARG A 219 11.42 16.06 27.87
C ARG A 219 12.82 16.67 27.83
N GLU A 220 13.74 16.14 28.63
CA GLU A 220 15.12 16.64 28.60
C GLU A 220 15.88 16.34 27.32
N VAL A 221 15.53 15.27 26.60
CA VAL A 221 16.21 14.96 25.35
C VAL A 221 15.37 15.12 24.08
N TRP A 222 14.05 15.15 24.21
CA TRP A 222 13.18 15.29 23.06
C TRP A 222 13.14 16.75 22.63
N PRO A 223 13.33 17.04 21.31
CA PRO A 223 13.40 18.46 20.94
C PRO A 223 12.16 19.25 21.33
N GLU A 224 12.39 20.47 21.83
CA GLU A 224 11.30 21.31 22.30
C GLU A 224 10.37 21.73 21.17
N ASN A 225 10.84 21.69 19.92
CA ASN A 225 10.06 22.16 18.79
C ASN A 225 9.30 21.04 18.07
N LEU A 226 9.32 19.83 18.64
CA LEU A 226 8.58 18.69 18.06
C LEU A 226 7.55 18.22 19.07
N PRO A 227 6.31 17.94 18.62
CA PRO A 227 5.28 17.51 19.58
C PRO A 227 5.70 16.32 20.46
N LEU A 228 5.45 16.53 21.75
CA LEU A 228 5.65 15.55 22.80
C LEU A 228 4.28 15.14 23.29
N THR A 229 3.90 13.89 23.06
CA THR A 229 2.54 13.45 23.31
C THR A 229 2.54 12.16 24.11
N ALA A 230 1.36 11.76 24.56
CA ALA A 230 1.25 10.52 25.30
C ALA A 230 -0.12 9.94 25.03
N ARG A 231 -0.22 8.63 25.15
CA ARG A 231 -1.51 7.95 25.14
C ARG A 231 -1.81 7.49 26.57
N PHE A 232 -3.05 7.65 27.02
CA PHE A 232 -3.37 7.39 28.41
C PHE A 232 -4.82 6.89 28.48
N GLY A 233 -5.05 5.81 29.22
CA GLY A 233 -6.40 5.30 29.42
C GLY A 233 -7.04 6.04 30.57
N VAL A 234 -8.11 6.77 30.30
CA VAL A 234 -8.63 7.73 31.28
C VAL A 234 -9.79 7.13 32.07
N LEU A 235 -10.29 5.97 31.64
CA LEU A 235 -11.24 5.22 32.46
C LEU A 235 -11.13 3.74 32.10
N GLU A 236 -11.70 2.89 32.93
CA GLU A 236 -11.62 1.44 32.70
C GLU A 236 -12.94 0.77 32.35
N TYR A 237 -14.05 1.43 32.66
CA TYR A 237 -15.38 0.80 32.60
C TYR A 237 -15.43 -0.37 33.59
N ASP A 238 -14.98 -0.09 34.80
CA ASP A 238 -14.82 -1.05 35.90
C ASP A 238 -15.75 -0.72 37.08
N GLY A 239 -16.76 0.10 36.85
CA GLY A 239 -17.65 0.53 37.92
C GLY A 239 -17.08 1.66 38.77
N ARG A 240 -15.88 2.15 38.42
CA ARG A 240 -15.24 3.25 39.13
C ARG A 240 -15.01 4.46 38.23
N ASP A 241 -15.84 4.63 37.20
CA ASP A 241 -15.52 5.55 36.11
C ASP A 241 -15.53 7.03 36.53
N GLU A 242 -16.46 7.43 37.40
CA GLU A 242 -16.54 8.84 37.77
C GLU A 242 -15.26 9.29 38.50
N GLN A 243 -14.84 8.52 39.50
CA GLN A 243 -13.64 8.83 40.25
C GLN A 243 -12.39 8.69 39.37
N THR A 244 -12.34 7.65 38.55
CA THR A 244 -11.17 7.39 37.73
C THR A 244 -11.01 8.48 36.70
N LEU A 245 -12.11 8.89 36.11
CA LEU A 245 -12.06 9.92 35.10
C LEU A 245 -11.59 11.24 35.71
N GLU A 246 -12.06 11.53 36.93
CA GLU A 246 -11.63 12.74 37.61
C GLU A 246 -10.12 12.74 37.86
N GLU A 247 -9.58 11.62 38.34
CA GLU A 247 -8.15 11.51 38.57
C GLU A 247 -7.36 11.60 37.28
N SER A 248 -7.84 10.92 36.24
CA SER A 248 -7.19 10.93 34.91
C SER A 248 -7.11 12.32 34.32
N ILE A 249 -8.20 13.10 34.44
CA ILE A 249 -8.23 14.46 33.94
C ILE A 249 -7.28 15.34 34.74
N GLU A 250 -7.20 15.13 36.05
CA GLU A 250 -6.23 15.87 36.82
C GLU A 250 -4.80 15.53 36.40
N LEU A 251 -4.53 14.25 36.13
CA LEU A 251 -3.18 13.91 35.68
C LEU A 251 -2.90 14.55 34.32
N ALA A 252 -3.93 14.67 33.47
CA ALA A 252 -3.78 15.35 32.18
C ALA A 252 -3.39 16.81 32.39
N ARG A 253 -3.99 17.48 33.37
CA ARG A 253 -3.57 18.84 33.71
C ARG A 253 -2.09 18.89 34.10
N ARG A 254 -1.63 17.87 34.82
CA ARG A 254 -0.25 17.83 35.28
CA ARG A 254 -0.25 17.85 35.28
C ARG A 254 0.66 17.52 34.09
N PHE A 255 0.19 16.69 33.16
CA PHE A 255 0.95 16.44 31.92
C PHE A 255 1.14 17.76 31.17
N LYS A 256 0.07 18.54 31.04
CA LYS A 256 0.18 19.82 30.35
C LYS A 256 1.20 20.71 31.06
N ALA A 257 1.11 20.76 32.39
CA ALA A 257 2.05 21.58 33.14
C ALA A 257 3.48 21.09 32.97
N GLY A 258 3.60 19.80 32.62
CA GLY A 258 4.90 19.19 32.37
C GLY A 258 5.33 19.18 30.92
N GLY A 259 4.63 19.92 30.07
CA GLY A 259 5.08 20.13 28.70
C GLY A 259 4.45 19.22 27.66
N LEU A 260 3.45 18.45 28.05
CA LEU A 260 2.78 17.59 27.06
C LEU A 260 2.01 18.48 26.07
N ASP A 261 2.16 18.18 24.78
CA ASP A 261 1.55 18.99 23.72
C ASP A 261 0.17 18.50 23.29
N LEU A 262 -0.08 17.20 23.46
CA LEU A 262 -1.34 16.60 22.98
C LEU A 262 -1.49 15.27 23.68
N LEU A 263 -2.73 14.91 24.00
CA LEU A 263 -3.02 13.66 24.69
C LEU A 263 -3.91 12.78 23.80
N SER A 264 -3.47 11.56 23.57
CA SER A 264 -4.29 10.57 22.90
C SER A 264 -5.09 9.86 23.97
N VAL A 265 -6.40 10.05 23.94
CA VAL A 265 -7.29 9.59 24.99
C VAL A 265 -7.79 8.19 24.69
N SER A 266 -7.61 7.25 25.61
CA SER A 266 -8.02 5.88 25.38
C SER A 266 -8.63 5.28 26.64
N VAL A 267 -8.76 3.96 26.63
CA VAL A 267 -9.30 3.19 27.72
C VAL A 267 -8.15 2.46 28.40
N GLY A 268 -8.28 2.16 29.69
CA GLY A 268 -7.17 1.59 30.46
C GLY A 268 -6.77 0.16 30.12
N PHE A 269 -7.77 -0.71 29.91
CA PHE A 269 -7.53 -2.15 29.71
C PHE A 269 -6.60 -2.70 30.79
N THR A 270 -6.67 -2.19 32.02
CA THR A 270 -5.73 -2.61 33.07
C THR A 270 -6.06 -3.99 33.64
N ILE A 271 -7.35 -4.32 33.68
CA ILE A 271 -7.86 -5.60 34.16
C ILE A 271 -8.91 -6.13 33.20
N PRO A 272 -9.19 -7.43 33.25
CA PRO A 272 -10.21 -8.01 32.36
C PRO A 272 -11.65 -7.84 32.84
N GLU A 273 -11.85 -7.56 34.12
CA GLU A 273 -13.20 -7.48 34.70
C GLU A 273 -13.84 -6.12 34.43
N THR A 274 -14.21 -5.90 33.18
CA THR A 274 -14.78 -4.62 32.77
C THR A 274 -15.93 -4.81 31.82
N ASN A 275 -16.63 -3.74 31.56
CA ASN A 275 -17.75 -3.78 30.63
C ASN A 275 -17.71 -2.57 29.73
N ILE A 276 -16.90 -2.67 28.68
CA ILE A 276 -16.61 -1.54 27.79
C ILE A 276 -17.72 -1.43 26.76
N PRO A 277 -18.38 -0.26 26.68
CA PRO A 277 -19.49 -0.12 25.73
C PRO A 277 -19.04 0.25 24.32
N TRP A 278 -18.35 -0.69 23.67
CA TRP A 278 -17.87 -0.50 22.32
C TRP A 278 -18.99 -0.04 21.41
N GLY A 279 -18.72 0.97 20.61
CA GLY A 279 -19.68 1.45 19.62
C GLY A 279 -19.04 2.53 18.79
N PRO A 280 -19.70 2.93 17.70
CA PRO A 280 -19.14 3.96 16.83
C PRO A 280 -18.88 5.27 17.54
N ALA A 281 -17.64 5.73 17.48
CA ALA A 281 -17.26 7.02 18.08
C ALA A 281 -17.54 7.10 19.57
N PHE A 282 -17.54 5.97 20.29
CA PHE A 282 -17.99 6.00 21.67
C PHE A 282 -17.07 6.83 22.56
N MET A 283 -15.82 7.02 22.13
CA MET A 283 -14.88 7.81 22.93
C MET A 283 -15.00 9.32 22.73
N GLY A 284 -15.77 9.73 21.74
CA GLY A 284 -15.89 11.15 21.43
C GLY A 284 -16.23 12.00 22.63
N PRO A 285 -17.29 11.64 23.37
CA PRO A 285 -17.64 12.48 24.52
C PRO A 285 -16.61 12.46 25.65
N ILE A 286 -15.88 11.35 25.81
CA ILE A 286 -14.85 11.22 26.82
C ILE A 286 -13.69 12.12 26.45
N ALA A 287 -13.26 12.02 25.18
CA ALA A 287 -12.17 12.86 24.72
C ALA A 287 -12.52 14.34 24.84
N GLU A 288 -13.76 14.69 24.48
CA GLU A 288 -14.20 16.08 24.59
C GLU A 288 -14.05 16.60 26.01
N ARG A 289 -14.44 15.78 26.98
CA ARG A 289 -14.40 16.22 28.37
C ARG A 289 -12.94 16.44 28.79
N VAL A 290 -12.06 15.52 28.41
CA VAL A 290 -10.65 15.70 28.70
C VAL A 290 -10.11 16.98 28.06
N ARG A 291 -10.41 17.17 26.78
CA ARG A 291 -9.96 18.37 26.05
C ARG A 291 -10.38 19.64 26.74
N ARG A 292 -11.66 19.70 27.06
CA ARG A 292 -12.26 20.87 27.68
C ARG A 292 -11.78 21.11 29.11
N GLU A 293 -11.73 20.07 29.93
CA GLU A 293 -11.41 20.22 31.35
C GLU A 293 -9.91 20.31 31.59
N ALA A 294 -9.10 19.60 30.80
CA ALA A 294 -7.64 19.70 30.98
C ALA A 294 -7.02 20.77 30.06
N LYS A 295 -7.81 21.27 29.10
CA LYS A 295 -7.39 22.35 28.20
C LYS A 295 -6.12 21.99 27.42
N LEU A 296 -6.18 20.83 26.78
CA LEU A 296 -5.09 20.24 26.06
C LEU A 296 -5.65 19.69 24.75
N PRO A 297 -4.91 19.83 23.63
CA PRO A 297 -5.37 19.14 22.40
C PRO A 297 -5.45 17.64 22.59
N VAL A 298 -6.39 16.98 21.91
CA VAL A 298 -6.55 15.55 22.05
C VAL A 298 -6.76 14.87 20.71
N THR A 299 -6.46 13.58 20.70
CA THR A 299 -6.98 12.71 19.67
C THR A 299 -7.61 11.50 20.36
N SER A 300 -8.43 10.77 19.62
CA SER A 300 -8.94 9.49 20.10
C SER A 300 -9.28 8.62 18.89
N ALA A 301 -9.73 7.40 19.19
CA ALA A 301 -9.97 6.38 18.19
C ALA A 301 -11.14 5.51 18.62
N TRP A 302 -11.26 4.44 17.85
CA TRP A 302 -12.35 3.43 17.87
CA TRP A 302 -12.26 3.41 18.00
C TRP A 302 -13.75 3.62 17.24
N GLY A 303 -13.68 3.40 15.89
CA GLY A 303 -14.88 3.60 15.09
C GLY A 303 -14.95 4.72 14.03
N PHE A 304 -13.92 5.57 13.97
CA PHE A 304 -13.98 6.74 13.10
C PHE A 304 -13.66 6.47 11.64
N GLY A 305 -13.58 5.20 11.25
CA GLY A 305 -13.44 4.80 9.86
C GLY A 305 -14.62 5.18 8.98
N THR A 306 -15.67 5.71 9.60
CA THR A 306 -16.81 6.22 8.84
C THR A 306 -16.50 7.71 8.71
N PRO A 307 -16.21 8.18 7.49
CA PRO A 307 -15.75 9.57 7.33
C PRO A 307 -16.65 10.60 8.00
N GLN A 308 -17.96 10.36 7.97
CA GLN A 308 -18.85 11.33 8.59
C GLN A 308 -18.69 11.40 10.12
N LEU A 309 -18.37 10.27 10.75
CA LEU A 309 -18.14 10.28 12.19
C LEU A 309 -16.89 11.09 12.52
N ALA A 310 -15.86 10.93 11.70
CA ALA A 310 -14.65 11.69 11.90
C ALA A 310 -14.89 13.19 11.77
N GLU A 311 -15.58 13.56 10.70
CA GLU A 311 -15.89 14.96 10.45
C GLU A 311 -16.72 15.54 11.60
N ALA A 312 -17.70 14.78 12.07
CA ALA A 312 -18.58 15.26 13.13
C ALA A 312 -17.84 15.51 14.45
N ALA A 313 -16.88 14.63 14.77
CA ALA A 313 -16.14 14.77 16.01
C ALA A 313 -15.30 16.06 16.00
N LEU A 314 -14.71 16.38 14.85
CA LEU A 314 -13.95 17.61 14.71
C LEU A 314 -14.85 18.84 14.78
N GLN A 315 -15.97 18.80 14.09
CA GLN A 315 -16.85 19.97 14.07
C GLN A 315 -17.43 20.24 15.45
N ALA A 316 -17.61 19.20 16.24
CA ALA A 316 -18.09 19.31 17.63
C ALA A 316 -16.98 19.70 18.62
N ASN A 317 -15.78 19.90 18.11
CA ASN A 317 -14.61 20.19 18.97
C ASN A 317 -14.43 19.16 20.09
N GLN A 318 -14.67 17.89 19.73
CA GLN A 318 -14.41 16.76 20.61
C GLN A 318 -12.95 16.32 20.54
N LEU A 319 -12.38 16.51 19.35
CA LEU A 319 -11.04 16.07 18.97
C LEU A 319 -10.34 17.15 18.17
N ASP A 320 -9.01 17.18 18.20
CA ASP A 320 -8.22 17.99 17.27
C ASP A 320 -7.71 17.17 16.07
N LEU A 321 -7.43 15.90 16.30
CA LEU A 321 -7.06 14.93 15.26
C LEU A 321 -7.95 13.72 15.45
N VAL A 322 -8.35 13.09 14.35
CA VAL A 322 -9.11 11.85 14.40
C VAL A 322 -8.17 10.71 14.05
N SER A 323 -8.03 9.74 14.95
CA SER A 323 -7.19 8.56 14.68
C SER A 323 -8.05 7.48 14.08
N VAL A 324 -7.60 6.98 12.93
CA VAL A 324 -8.32 5.97 12.13
C VAL A 324 -7.39 4.79 11.89
N GLY A 325 -7.64 3.68 12.59
CA GLY A 325 -6.73 2.54 12.58
C GLY A 325 -7.10 1.43 11.62
N ARG A 326 -8.04 0.59 12.04
CA ARG A 326 -8.37 -0.59 11.26
C ARG A 326 -8.81 -0.28 9.82
N ALA A 327 -9.49 0.84 9.58
CA ALA A 327 -9.87 1.21 8.22
C ALA A 327 -8.65 1.37 7.31
N HIS A 328 -7.50 1.73 7.87
CA HIS A 328 -6.26 1.85 7.10
C HIS A 328 -5.58 0.50 6.88
N LEU A 329 -5.88 -0.49 7.72
CA LEU A 329 -5.43 -1.85 7.45
C LEU A 329 -6.25 -2.41 6.28
N ALA A 330 -7.54 -2.12 6.29
CA ALA A 330 -8.42 -2.55 5.23
C ALA A 330 -8.04 -1.89 3.90
N ASP A 331 -7.77 -0.59 3.96
CA ASP A 331 -7.54 0.26 2.80
C ASP A 331 -6.46 1.27 3.14
N PRO A 332 -5.23 1.04 2.68
CA PRO A 332 -4.15 1.97 3.04
C PRO A 332 -4.37 3.38 2.50
N HIS A 333 -5.25 3.50 1.51
CA HIS A 333 -5.63 4.81 0.98
C HIS A 333 -6.94 5.34 1.57
N TRP A 334 -7.25 4.98 2.81
CA TRP A 334 -8.49 5.44 3.41
C TRP A 334 -8.65 6.96 3.41
N ALA A 335 -7.57 7.72 3.53
CA ALA A 335 -7.71 9.17 3.56
C ALA A 335 -8.31 9.69 2.25
N TYR A 336 -7.95 9.07 1.13
CA TYR A 336 -8.55 9.39 -0.15
C TYR A 336 -10.03 9.03 -0.17
N PHE A 337 -10.36 7.82 0.30
CA PHE A 337 -11.76 7.42 0.41
C PHE A 337 -12.55 8.45 1.22
N ALA A 338 -11.97 8.93 2.33
CA ALA A 338 -12.67 9.91 3.18
C ALA A 338 -12.86 11.24 2.44
N ALA A 339 -11.84 11.69 1.70
CA ALA A 339 -11.93 12.93 0.94
C ALA A 339 -13.07 12.84 -0.08
N LYS A 340 -13.18 11.72 -0.77
CA LYS A 340 -14.25 11.51 -1.73
C LYS A 340 -15.60 11.52 -1.04
N GLU A 341 -15.69 10.73 0.02
CA GLU A 341 -16.96 10.62 0.74
C GLU A 341 -17.43 11.96 1.29
N LEU A 342 -16.51 12.83 1.67
CA LEU A 342 -16.87 14.14 2.23
C LEU A 342 -16.97 15.22 1.16
N GLY A 343 -16.78 14.83 -0.10
CA GLY A 343 -16.91 15.76 -1.21
C GLY A 343 -15.82 16.83 -1.28
N VAL A 344 -14.63 16.51 -0.80
CA VAL A 344 -13.50 17.42 -0.90
C VAL A 344 -13.24 17.69 -2.37
N GLU A 345 -12.90 18.95 -2.67
CA GLU A 345 -12.57 19.32 -4.03
C GLU A 345 -11.21 18.75 -4.40
N LYS A 346 -11.13 18.18 -5.59
CA LYS A 346 -9.90 17.53 -6.04
C LYS A 346 -9.48 16.45 -5.04
N ALA A 347 -10.47 15.69 -4.59
CA ALA A 347 -10.24 14.62 -3.61
C ALA A 347 -9.18 13.64 -4.05
N SER A 348 -9.08 13.34 -5.34
CA SER A 348 -8.09 12.36 -5.75
C SER A 348 -6.66 12.84 -5.51
N TRP A 349 -6.46 14.15 -5.43
CA TRP A 349 -5.12 14.70 -5.17
C TRP A 349 -4.72 14.64 -3.69
N THR A 350 -5.54 13.93 -2.91
CA THR A 350 -5.13 13.41 -1.62
C THR A 350 -3.98 12.42 -1.80
N LEU A 351 -3.98 11.77 -2.96
CA LEU A 351 -2.98 10.78 -3.33
C LEU A 351 -1.88 11.40 -4.18
N PRO A 352 -0.71 10.73 -4.28
CA PRO A 352 0.33 11.19 -5.22
C PRO A 352 -0.15 11.15 -6.67
N ALA A 353 0.47 12.00 -7.51
CA ALA A 353 0.08 12.17 -8.90
C ALA A 353 -0.15 10.88 -9.72
N PRO A 354 0.70 9.84 -9.56
CA PRO A 354 0.47 8.69 -10.45
C PRO A 354 -0.84 7.96 -10.21
N TYR A 355 -1.45 8.23 -9.05
CA TYR A 355 -2.80 7.78 -8.77
C TYR A 355 -3.83 8.89 -9.04
N ALA A 356 -3.56 10.07 -8.50
CA ALA A 356 -4.52 11.17 -8.53
C ALA A 356 -4.99 11.55 -9.91
N HIS A 357 -4.06 11.61 -10.85
CA HIS A 357 -4.40 12.02 -12.20
C HIS A 357 -5.51 11.16 -12.78
N TRP A 358 -5.44 9.85 -12.52
CA TRP A 358 -6.32 8.88 -13.16
C TRP A 358 -7.62 8.70 -12.42
N LEU A 359 -7.64 9.10 -11.15
CA LEU A 359 -8.82 8.93 -10.32
C LEU A 359 -9.72 10.19 -10.32
N GLU A 360 -9.26 11.29 -10.88
CA GLU A 360 -10.13 12.47 -10.96
C GLU A 360 -11.06 12.38 -12.16
N SER B 2 -17.31 -18.35 -4.98
CA SER B 2 -17.11 -17.22 -5.91
C SER B 2 -16.12 -17.60 -6.99
N ALA B 3 -16.52 -17.40 -8.25
CA ALA B 3 -15.65 -17.67 -9.38
C ALA B 3 -14.40 -16.80 -9.30
N LEU B 4 -14.57 -15.57 -8.82
CA LEU B 4 -13.43 -14.63 -8.75
C LEU B 4 -12.32 -15.17 -7.87
N PHE B 5 -12.66 -16.04 -6.92
CA PHE B 5 -11.66 -16.51 -5.97
C PHE B 5 -11.30 -17.99 -6.15
N GLU B 6 -11.56 -18.51 -7.34
CA GLU B 6 -11.07 -19.82 -7.74
C GLU B 6 -9.66 -19.68 -8.25
N PRO B 7 -8.76 -20.58 -7.86
CA PRO B 7 -7.42 -20.52 -8.48
C PRO B 7 -7.42 -20.79 -9.98
N TYR B 8 -6.30 -20.46 -10.61
CA TYR B 8 -6.09 -20.65 -12.03
C TYR B 8 -4.69 -21.16 -12.26
N THR B 9 -4.56 -22.24 -13.02
CA THR B 9 -3.28 -22.77 -13.38
C THR B 9 -3.05 -22.65 -14.88
N LEU B 10 -1.91 -22.10 -15.23
CA LEU B 10 -1.49 -21.98 -16.62
C LEU B 10 -0.01 -22.34 -16.68
N LYS B 11 0.33 -23.30 -17.54
CA LYS B 11 1.67 -23.90 -17.51
C LYS B 11 1.99 -24.26 -16.06
N ASP B 12 3.16 -23.89 -15.54
CA ASP B 12 3.53 -24.28 -14.17
C ASP B 12 3.12 -23.28 -13.11
N VAL B 13 2.40 -22.25 -13.50
CA VAL B 13 2.04 -21.17 -12.59
C VAL B 13 0.59 -21.33 -12.10
N THR B 14 0.39 -21.20 -10.78
CA THR B 14 -0.94 -21.22 -10.20
C THR B 14 -1.15 -19.88 -9.49
N LEU B 15 -2.21 -19.21 -9.93
CA LEU B 15 -2.70 -17.98 -9.34
C LEU B 15 -3.71 -18.32 -8.27
N ARG B 16 -3.66 -17.64 -7.14
CA ARG B 16 -4.54 -17.97 -6.02
C ARG B 16 -5.99 -17.55 -6.23
N ASN B 17 -6.22 -16.66 -7.19
CA ASN B 17 -7.57 -16.27 -7.56
C ASN B 17 -7.54 -15.74 -8.99
N ARG B 18 -8.68 -15.22 -9.48
CA ARG B 18 -8.78 -14.78 -10.85
C ARG B 18 -8.64 -13.28 -10.99
N ILE B 19 -8.17 -12.61 -9.94
CA ILE B 19 -7.92 -11.16 -10.00
C ILE B 19 -6.51 -10.89 -10.51
N ALA B 20 -6.42 -10.24 -11.65
CA ALA B 20 -5.15 -9.74 -12.18
C ALA B 20 -5.10 -8.23 -12.07
N ILE B 21 -3.92 -7.73 -11.68
CA ILE B 21 -3.67 -6.32 -11.78
C ILE B 21 -2.96 -6.09 -13.11
N PRO B 22 -3.60 -5.38 -14.02
CA PRO B 22 -3.02 -5.16 -15.35
C PRO B 22 -1.87 -4.16 -15.26
N PRO B 23 -1.04 -4.15 -16.28
CA PRO B 23 0.04 -3.17 -16.28
C PRO B 23 -0.49 -1.74 -16.20
N MET B 24 0.07 -0.94 -15.28
CA MET B 24 -0.27 0.48 -15.19
C MET B 24 0.97 1.34 -14.99
N CYS B 25 1.37 2.03 -16.07
CA CYS B 25 2.47 2.97 -16.03
C CYS B 25 2.36 3.92 -14.86
N GLN B 26 3.49 4.12 -14.18
CA GLN B 26 3.57 5.03 -13.03
C GLN B 26 4.31 6.33 -13.33
N TYR B 27 5.06 6.36 -14.43
CA TYR B 27 5.78 7.56 -14.87
C TYR B 27 6.70 8.11 -13.78
N MET B 28 7.26 7.21 -12.96
CA MET B 28 8.10 7.61 -11.84
C MET B 28 9.55 7.15 -11.92
N ALA B 29 9.93 6.51 -13.03
CA ALA B 29 11.30 6.03 -13.18
C ALA B 29 12.18 7.16 -13.72
N GLU B 30 13.49 7.02 -13.52
CA GLU B 30 14.44 7.99 -14.05
C GLU B 30 15.44 7.22 -14.90
N ASP B 31 15.58 7.62 -16.16
CA ASP B 31 16.44 6.90 -17.11
C ASP B 31 16.10 5.41 -17.15
N GLY B 32 14.81 5.11 -17.02
CA GLY B 32 14.31 3.75 -17.08
C GLY B 32 14.41 2.98 -15.79
N LEU B 33 15.16 3.50 -14.80
CA LEU B 33 15.39 2.79 -13.56
C LEU B 33 14.24 2.95 -12.58
N ILE B 34 13.66 1.84 -12.16
CA ILE B 34 12.60 1.95 -11.16
C ILE B 34 13.24 2.20 -9.78
N ASN B 35 12.42 2.49 -8.79
CA ASN B 35 12.92 2.98 -7.51
C ASN B 35 11.93 2.72 -6.39
N ASP B 36 12.10 3.40 -5.25
CA ASP B 36 11.23 3.19 -4.11
C ASP B 36 9.75 3.44 -4.42
N TRP B 37 9.44 4.28 -5.40
CA TRP B 37 8.04 4.46 -5.74
C TRP B 37 7.45 3.10 -6.09
N HIS B 38 8.08 2.44 -7.06
CA HIS B 38 7.58 1.19 -7.59
C HIS B 38 7.65 0.08 -6.55
N GLN B 39 8.70 0.04 -5.75
CA GLN B 39 8.87 -1.03 -4.80
C GLN B 39 7.64 -1.12 -3.89
N VAL B 40 7.26 0.01 -3.33
CA VAL B 40 6.14 0.06 -2.38
C VAL B 40 4.80 -0.12 -3.09
N HIS B 41 4.68 0.55 -4.23
CA HIS B 41 3.46 0.48 -5.04
C HIS B 41 3.09 -0.97 -5.36
N TYR B 42 4.04 -1.70 -5.89
CA TYR B 42 3.80 -3.08 -6.28
C TYR B 42 3.65 -4.02 -5.08
N ALA B 43 4.47 -3.85 -4.06
CA ALA B 43 4.41 -4.73 -2.92
C ALA B 43 3.07 -4.58 -2.21
N SER B 44 2.61 -3.35 -2.08
CA SER B 44 1.37 -3.10 -1.35
C SER B 44 0.19 -3.71 -2.10
N MET B 45 0.14 -3.53 -3.43
CA MET B 45 -0.94 -4.14 -4.21
C MET B 45 -0.90 -5.68 -4.14
N ALA B 46 0.30 -6.26 -4.17
CA ALA B 46 0.39 -7.71 -4.10
C ALA B 46 -0.13 -8.23 -2.75
N ARG B 47 0.19 -7.53 -1.67
CA ARG B 47 -0.30 -7.91 -0.35
C ARG B 47 -1.82 -7.75 -0.24
N GLY B 48 -2.39 -6.91 -1.11
CA GLY B 48 -3.82 -6.71 -1.20
C GLY B 48 -4.65 -7.93 -1.59
N GLY B 49 -3.99 -8.92 -2.19
CA GLY B 49 -4.64 -10.19 -2.47
C GLY B 49 -4.75 -10.65 -3.91
N ALA B 50 -4.49 -9.78 -4.86
CA ALA B 50 -4.57 -10.18 -6.26
C ALA B 50 -3.66 -11.38 -6.55
N GLY B 51 -4.15 -12.31 -7.37
CA GLY B 51 -3.40 -13.48 -7.73
C GLY B 51 -2.23 -13.25 -8.68
N LEU B 52 -2.35 -12.21 -9.51
CA LEU B 52 -1.35 -11.88 -10.52
C LEU B 52 -1.18 -10.38 -10.58
N LEU B 53 0.08 -9.94 -10.62
CA LEU B 53 0.39 -8.54 -10.77
C LEU B 53 1.32 -8.36 -11.95
N VAL B 54 0.81 -7.80 -13.03
CA VAL B 54 1.62 -7.51 -14.22
C VAL B 54 2.17 -6.10 -14.07
N VAL B 55 3.50 -6.02 -13.94
CA VAL B 55 4.20 -4.74 -13.90
C VAL B 55 3.97 -3.97 -15.21
N GLU B 56 3.86 -2.65 -15.03
CA GLU B 56 3.64 -1.65 -16.08
C GLU B 56 4.52 -1.85 -17.32
N ALA B 57 4.05 -1.27 -18.43
CA ALA B 57 4.78 -1.22 -19.69
C ALA B 57 6.21 -0.79 -19.45
N THR B 58 7.13 -1.69 -19.75
CA THR B 58 8.54 -1.50 -19.49
C THR B 58 9.28 -1.55 -20.82
N ALA B 59 9.92 -0.44 -21.15
CA ALA B 59 10.48 -0.24 -22.48
C ALA B 59 11.64 -1.18 -22.76
N VAL B 60 11.64 -1.76 -23.95
CA VAL B 60 12.72 -2.61 -24.39
C VAL B 60 13.94 -1.83 -24.88
N ALA B 61 13.77 -0.53 -25.07
CA ALA B 61 14.80 0.38 -25.56
C ALA B 61 14.46 1.81 -25.14
N PRO B 62 15.47 2.68 -25.05
CA PRO B 62 15.20 4.01 -24.53
C PRO B 62 14.14 4.79 -25.30
N GLU B 63 14.18 4.70 -26.62
CA GLU B 63 13.23 5.43 -27.45
C GLU B 63 11.84 4.80 -27.45
N GLY B 64 11.70 3.63 -26.84
CA GLY B 64 10.41 2.97 -26.72
C GLY B 64 9.67 3.24 -25.44
N ARG B 65 10.25 4.06 -24.56
CA ARG B 65 9.51 4.64 -23.45
C ARG B 65 8.39 5.50 -24.00
N ILE B 66 7.27 5.61 -23.29
CA ILE B 66 6.26 6.61 -23.66
C ILE B 66 6.79 7.98 -23.28
N THR B 67 7.35 8.05 -22.06
CA THR B 67 7.71 9.31 -21.42
C THR B 67 9.08 9.23 -20.72
N PRO B 68 9.63 10.37 -20.30
CA PRO B 68 10.85 10.34 -19.50
C PRO B 68 10.70 9.66 -18.15
N GLY B 69 9.48 9.37 -17.72
CA GLY B 69 9.25 8.66 -16.46
C GLY B 69 9.03 7.15 -16.62
N CYS B 70 9.09 6.62 -17.83
CA CYS B 70 8.77 5.21 -18.03
C CYS B 70 9.89 4.27 -17.60
N ALA B 71 9.48 3.14 -17.03
CA ALA B 71 10.39 2.07 -16.71
C ALA B 71 11.01 1.47 -17.97
N GLY B 72 12.24 0.98 -17.82
CA GLY B 72 12.90 0.27 -18.89
C GLY B 72 13.60 -0.98 -18.40
N ILE B 73 13.93 -1.88 -19.34
CA ILE B 73 14.65 -3.10 -19.02
C ILE B 73 15.68 -3.38 -20.11
N TRP B 74 16.31 -2.32 -20.63
CA TRP B 74 17.20 -2.44 -21.77
C TRP B 74 18.67 -2.65 -21.40
N SER B 75 18.94 -2.85 -20.11
CA SER B 75 20.26 -3.26 -19.63
C SER B 75 20.18 -4.16 -18.41
N ASP B 76 21.30 -4.81 -18.08
CA ASP B 76 21.35 -5.68 -16.92
C ASP B 76 21.11 -4.89 -15.63
N ALA B 77 21.59 -3.64 -15.58
CA ALA B 77 21.34 -2.78 -14.44
C ALA B 77 19.84 -2.50 -14.25
N HIS B 78 19.14 -2.29 -15.36
CA HIS B 78 17.70 -2.07 -15.30
C HIS B 78 17.01 -3.33 -14.79
N ALA B 79 17.45 -4.49 -15.25
CA ALA B 79 16.85 -5.77 -14.82
C ALA B 79 17.07 -6.02 -13.34
N GLN B 80 18.27 -5.69 -12.86
CA GLN B 80 18.60 -5.86 -11.45
C GLN B 80 17.67 -5.04 -10.57
N ALA B 81 17.24 -3.87 -11.03
CA ALA B 81 16.33 -3.05 -10.25
C ALA B 81 14.99 -3.76 -10.03
N PHE B 82 14.62 -4.68 -10.92
CA PHE B 82 13.35 -5.36 -10.76
C PHE B 82 13.40 -6.52 -9.80
N VAL B 83 14.59 -7.04 -9.50
CA VAL B 83 14.69 -8.24 -8.67
C VAL B 83 13.93 -8.07 -7.34
N PRO B 84 14.14 -6.95 -6.64
CA PRO B 84 13.41 -6.83 -5.35
C PRO B 84 11.89 -6.65 -5.50
N VAL B 85 11.45 -6.16 -6.65
CA VAL B 85 10.00 -6.06 -6.93
C VAL B 85 9.44 -7.47 -7.10
N VAL B 86 10.09 -8.28 -7.93
CA VAL B 86 9.71 -9.68 -8.09
C VAL B 86 9.63 -10.37 -6.73
N GLN B 87 10.68 -10.19 -5.92
CA GLN B 87 10.76 -10.88 -4.63
C GLN B 87 9.62 -10.44 -3.71
N ALA B 88 9.28 -9.15 -3.72
CA ALA B 88 8.21 -8.65 -2.83
C ALA B 88 6.83 -9.14 -3.30
N ILE B 89 6.63 -9.18 -4.62
CA ILE B 89 5.36 -9.70 -5.14
C ILE B 89 5.20 -11.17 -4.75
N LYS B 90 6.23 -11.98 -4.98
CA LYS B 90 6.21 -13.39 -4.59
C LYS B 90 6.01 -13.57 -3.09
N ALA B 91 6.71 -12.77 -2.27
CA ALA B 91 6.63 -12.95 -0.82
C ALA B 91 5.20 -12.73 -0.34
N ALA B 92 4.46 -11.91 -1.08
CA ALA B 92 3.05 -11.61 -0.76
C ALA B 92 2.10 -12.69 -1.25
N GLY B 93 2.61 -13.66 -1.98
CA GLY B 93 1.77 -14.74 -2.47
C GLY B 93 1.12 -14.49 -3.82
N SER B 94 1.50 -13.39 -4.47
CA SER B 94 1.01 -13.08 -5.81
C SER B 94 2.04 -13.58 -6.83
N VAL B 95 1.65 -13.64 -8.09
CA VAL B 95 2.56 -14.03 -9.16
C VAL B 95 3.05 -12.77 -9.87
N PRO B 96 4.36 -12.62 -9.99
CA PRO B 96 4.93 -11.45 -10.67
C PRO B 96 5.00 -11.61 -12.18
N GLY B 97 4.35 -10.68 -12.89
CA GLY B 97 4.47 -10.61 -14.33
C GLY B 97 4.99 -9.25 -14.74
N ILE B 98 5.32 -9.11 -16.02
CA ILE B 98 5.76 -7.84 -16.56
C ILE B 98 5.34 -7.74 -18.01
N GLN B 99 4.93 -6.54 -18.38
CA GLN B 99 4.63 -6.19 -19.75
C GLN B 99 5.86 -5.49 -20.36
N ILE B 100 6.38 -6.05 -21.45
CA ILE B 100 7.52 -5.42 -22.15
C ILE B 100 6.97 -4.76 -23.41
N ALA B 101 7.52 -3.59 -23.70
CA ALA B 101 6.84 -2.61 -24.53
C ALA B 101 7.77 -1.74 -25.38
N HIS B 102 7.20 -1.19 -26.44
CA HIS B 102 7.83 -0.15 -27.24
C HIS B 102 6.74 0.79 -27.75
N ALA B 103 6.83 2.07 -27.39
CA ALA B 103 5.74 3.01 -27.58
C ALA B 103 5.63 3.51 -29.03
N GLY B 104 6.59 3.17 -29.88
CA GLY B 104 6.48 3.57 -31.26
C GLY B 104 6.16 5.04 -31.46
N ARG B 105 5.15 5.36 -32.26
CA ARG B 105 4.95 6.76 -32.61
C ARG B 105 4.35 7.56 -31.46
N LYS B 106 3.87 6.87 -30.43
CA LYS B 106 3.34 7.56 -29.26
C LYS B 106 4.40 7.86 -28.20
N ALA B 107 5.65 7.54 -28.50
CA ALA B 107 6.77 7.84 -27.62
C ALA B 107 7.13 9.34 -27.58
N SER B 108 8.05 9.68 -26.68
CA SER B 108 8.53 11.05 -26.50
C SER B 108 7.39 11.99 -26.14
N ALA B 109 6.59 11.57 -25.17
CA ALA B 109 5.48 12.36 -24.66
C ALA B 109 5.69 12.78 -23.23
N ASN B 110 4.99 13.83 -22.83
CA ASN B 110 4.97 14.25 -21.43
C ASN B 110 4.21 13.26 -20.54
N ARG B 111 4.56 13.26 -19.26
CA ARG B 111 3.76 12.53 -18.28
CA ARG B 111 3.76 12.53 -18.28
C ARG B 111 2.33 13.06 -18.34
N PRO B 112 1.34 12.21 -18.00
CA PRO B 112 -0.07 12.60 -18.17
C PRO B 112 -0.48 13.86 -17.42
N TRP B 113 0.07 14.09 -16.25
CA TRP B 113 -0.26 15.28 -15.47
C TRP B 113 0.66 16.46 -15.78
N GLU B 114 1.47 16.32 -16.81
CA GLU B 114 2.40 17.36 -17.26
C GLU B 114 2.14 17.66 -18.74
N GLY B 115 0.90 17.45 -19.16
CA GLY B 115 0.46 17.82 -20.49
C GLY B 115 -0.05 16.66 -21.33
N ASP B 116 0.51 15.47 -21.08
CA ASP B 116 0.09 14.25 -21.76
C ASP B 116 0.30 14.29 -23.28
N ASP B 117 1.12 15.22 -23.75
CA ASP B 117 1.23 15.49 -25.17
C ASP B 117 2.66 15.29 -25.63
N HIS B 118 2.87 15.28 -26.93
CA HIS B 118 4.22 15.12 -27.43
C HIS B 118 5.11 16.24 -26.93
N ILE B 119 6.32 15.86 -26.58
CA ILE B 119 7.34 16.79 -26.18
C ILE B 119 7.72 17.58 -27.41
N GLY B 120 7.84 18.89 -27.22
CA GLY B 120 8.17 19.79 -28.32
C GLY B 120 9.63 19.74 -28.71
N ALA B 121 9.91 20.15 -29.95
CA ALA B 121 11.25 20.03 -30.53
C ALA B 121 12.32 20.76 -29.72
N ASP B 122 11.95 21.79 -28.98
CA ASP B 122 12.93 22.61 -28.25
C ASP B 122 13.08 22.21 -26.78
N ASP B 123 12.27 21.24 -26.36
CA ASP B 123 12.42 20.63 -25.05
C ASP B 123 13.46 19.53 -25.19
N ALA B 124 14.58 19.65 -24.48
CA ALA B 124 15.71 18.74 -24.70
C ALA B 124 15.44 17.35 -24.16
N ARG B 125 14.28 17.15 -23.54
CA ARG B 125 13.95 15.85 -22.99
C ARG B 125 13.44 14.91 -24.07
N GLY B 126 13.08 15.45 -25.23
CA GLY B 126 12.48 14.66 -26.28
C GLY B 126 13.43 13.83 -27.12
N TRP B 127 12.84 12.99 -27.96
CA TRP B 127 13.61 12.15 -28.85
C TRP B 127 12.81 11.81 -30.08
N GLU B 128 13.52 11.49 -31.15
CA GLU B 128 12.87 11.02 -32.38
CA GLU B 128 12.89 11.01 -32.37
C GLU B 128 12.22 9.67 -32.14
N THR B 129 11.02 9.53 -32.66
CA THR B 129 10.24 8.32 -32.54
C THR B 129 10.33 7.48 -33.81
N ILE B 130 10.06 6.19 -33.66
CA ILE B 130 10.04 5.26 -34.79
C ILE B 130 8.71 4.54 -34.91
N ALA B 131 8.41 4.09 -36.12
CA ALA B 131 7.12 3.52 -36.42
C ALA B 131 7.21 2.80 -37.77
N PRO B 132 6.18 2.02 -38.13
CA PRO B 132 6.25 1.36 -39.44
C PRO B 132 6.33 2.36 -40.60
N SER B 133 5.62 3.46 -40.45
CA SER B 133 5.50 4.48 -41.50
C SER B 133 5.57 5.87 -40.88
N ALA B 134 6.01 6.83 -41.68
CA ALA B 134 6.16 8.21 -41.25
C ALA B 134 4.83 8.94 -41.28
N ILE B 135 3.96 8.57 -40.34
CA ILE B 135 2.62 9.11 -40.22
C ILE B 135 2.36 9.38 -38.76
N ALA B 136 1.92 10.60 -38.43
CA ALA B 136 1.64 10.93 -37.04
C ALA B 136 0.27 10.39 -36.60
N PHE B 137 0.17 10.09 -35.31
CA PHE B 137 -1.11 9.82 -34.68
C PHE B 137 -2.08 10.98 -34.86
N GLY B 138 -1.58 12.19 -34.62
CA GLY B 138 -2.40 13.39 -34.70
C GLY B 138 -2.82 13.90 -33.34
N ALA B 139 -3.81 14.78 -33.32
CA ALA B 139 -4.30 15.35 -32.07
C ALA B 139 -3.15 15.84 -31.16
N HIS B 140 -3.07 15.33 -29.94
CA HIS B 140 -2.09 15.78 -28.97
C HIS B 140 -0.72 15.08 -29.16
N LEU B 141 -0.66 14.21 -30.15
CA LEU B 141 0.59 13.53 -30.50
C LEU B 141 0.92 13.77 -31.98
N PRO B 142 1.25 15.03 -32.31
CA PRO B 142 1.46 15.38 -33.72
C PRO B 142 2.83 14.99 -34.31
N ASN B 143 3.79 14.59 -33.48
CA ASN B 143 5.12 14.37 -34.02
C ASN B 143 5.14 13.24 -35.03
N VAL B 144 5.80 13.48 -36.16
CA VAL B 144 5.88 12.47 -37.19
C VAL B 144 7.04 11.54 -36.87
N PRO B 145 6.79 10.24 -36.77
CA PRO B 145 7.88 9.28 -36.54
C PRO B 145 8.71 9.06 -37.80
N ARG B 146 9.90 8.52 -37.62
CA ARG B 146 10.63 8.05 -38.81
C ARG B 146 10.27 6.59 -39.08
N ALA B 147 10.15 6.27 -40.36
CA ALA B 147 9.81 4.93 -40.79
C ALA B 147 10.99 4.01 -40.57
N MET B 148 10.71 2.86 -39.99
CA MET B 148 11.76 1.93 -39.60
C MET B 148 12.40 1.29 -40.82
N THR B 149 13.71 1.11 -40.72
CA THR B 149 14.45 0.33 -41.69
C THR B 149 14.36 -1.14 -41.35
N LEU B 150 14.78 -2.01 -42.25
CA LEU B 150 14.83 -3.44 -41.93
C LEU B 150 15.77 -3.70 -40.75
N ASP B 151 16.87 -2.96 -40.67
CA ASP B 151 17.76 -3.15 -39.54
C ASP B 151 17.11 -2.67 -38.24
N ASP B 152 16.30 -1.60 -38.31
CA ASP B 152 15.54 -1.17 -37.12
C ASP B 152 14.63 -2.30 -36.64
N ILE B 153 13.98 -2.96 -37.60
CA ILE B 153 13.06 -4.03 -37.26
C ILE B 153 13.82 -5.17 -36.60
N ALA B 154 14.97 -5.53 -37.13
CA ALA B 154 15.73 -6.59 -36.53
C ALA B 154 16.19 -6.20 -35.11
N ARG B 155 16.60 -4.95 -34.96
CA ARG B 155 17.13 -4.46 -33.71
C ARG B 155 16.02 -4.48 -32.64
N VAL B 156 14.84 -3.99 -33.01
CA VAL B 156 13.74 -3.91 -32.04
C VAL B 156 13.31 -5.31 -31.65
N LYS B 157 13.22 -6.23 -32.61
CA LYS B 157 12.90 -7.63 -32.28
C LYS B 157 13.90 -8.16 -31.25
N GLN B 158 15.17 -7.92 -31.49
CA GLN B 158 16.19 -8.40 -30.57
C GLN B 158 16.08 -7.72 -29.20
N ASP B 159 15.69 -6.44 -29.18
CA ASP B 159 15.46 -5.76 -27.91
C ASP B 159 14.31 -6.45 -27.14
N PHE B 160 13.23 -6.85 -27.83
CA PHE B 160 12.18 -7.62 -27.15
C PHE B 160 12.74 -8.95 -26.60
N VAL B 161 13.57 -9.63 -27.39
CA VAL B 161 14.17 -10.87 -26.92
C VAL B 161 15.01 -10.62 -25.67
N ASP B 162 15.90 -9.62 -25.75
CA ASP B 162 16.77 -9.31 -24.61
C ASP B 162 15.95 -8.91 -23.37
N ALA B 163 14.88 -8.15 -23.57
CA ALA B 163 14.01 -7.77 -22.46
C ALA B 163 13.34 -8.98 -21.82
N ALA B 164 12.89 -9.93 -22.66
CA ALA B 164 12.30 -11.16 -22.15
C ALA B 164 13.33 -11.97 -21.35
N ARG B 165 14.55 -12.05 -21.89
CA ARG B 165 15.65 -12.74 -21.19
C ARG B 165 15.92 -12.11 -19.84
N ARG B 166 15.97 -10.79 -19.82
CA ARG B 166 16.22 -10.07 -18.57
CA ARG B 166 16.20 -10.08 -18.58
C ARG B 166 15.06 -10.25 -17.58
N ALA B 167 13.83 -10.21 -18.08
CA ALA B 167 12.67 -10.44 -17.21
C ALA B 167 12.71 -11.83 -16.58
N ARG B 168 12.99 -12.82 -17.43
CA ARG B 168 13.16 -14.20 -17.00
C ARG B 168 14.19 -14.27 -15.88
N ASP B 169 15.35 -13.66 -16.11
CA ASP B 169 16.43 -13.84 -15.17
C ASP B 169 16.22 -13.00 -13.90
N ALA B 170 15.37 -11.97 -13.95
CA ALA B 170 15.00 -11.22 -12.74
C ALA B 170 13.99 -11.98 -11.91
N GLY B 171 13.40 -13.05 -12.45
CA GLY B 171 12.50 -13.88 -11.69
C GLY B 171 11.03 -13.74 -12.03
N PHE B 172 10.69 -12.94 -13.04
CA PHE B 172 9.28 -12.87 -13.42
C PHE B 172 8.77 -14.23 -13.88
N GLU B 173 7.50 -14.50 -13.61
CA GLU B 173 6.91 -15.80 -13.87
C GLU B 173 5.84 -15.74 -14.94
N TRP B 174 5.74 -14.58 -15.59
CA TRP B 174 4.63 -14.29 -16.47
C TRP B 174 5.07 -13.12 -17.32
N ILE B 175 4.99 -13.23 -18.64
CA ILE B 175 5.39 -12.12 -19.49
C ILE B 175 4.24 -11.74 -20.42
N GLU B 176 4.14 -10.43 -20.71
CA GLU B 176 3.14 -9.93 -21.61
C GLU B 176 3.79 -9.02 -22.64
N LEU B 177 3.67 -9.38 -23.90
CA LEU B 177 4.14 -8.54 -25.00
C LEU B 177 3.10 -7.47 -25.29
N HIS B 178 3.53 -6.20 -25.31
CA HIS B 178 2.58 -5.11 -25.50
C HIS B 178 2.36 -4.80 -26.96
N PHE B 179 1.38 -5.49 -27.54
CA PHE B 179 1.01 -5.31 -28.93
C PHE B 179 -0.31 -4.53 -29.04
N ALA B 180 -0.63 -3.71 -28.05
CA ALA B 180 -1.91 -2.99 -28.03
C ALA B 180 -1.71 -1.48 -27.92
N HIS B 181 -2.83 -0.75 -27.93
CA HIS B 181 -2.93 0.65 -27.52
C HIS B 181 -2.15 1.61 -28.43
N GLY B 182 -1.90 1.20 -29.66
CA GLY B 182 -1.40 2.11 -30.67
C GLY B 182 0.10 2.27 -30.66
N TYR B 183 0.74 1.48 -29.82
CA TYR B 183 2.19 1.55 -29.71
C TYR B 183 2.77 0.71 -30.85
N LEU B 184 4.05 0.39 -30.80
CA LEU B 184 4.72 -0.09 -32.02
C LEU B 184 4.08 -1.34 -32.62
N GLY B 185 3.86 -2.37 -31.82
CA GLY B 185 3.26 -3.60 -32.33
C GLY B 185 1.90 -3.40 -32.95
N GLN B 186 1.03 -2.71 -32.21
CA GLN B 186 -0.31 -2.43 -32.72
C GLN B 186 -0.21 -1.69 -34.04
N SER B 187 0.75 -0.76 -34.15
CA SER B 187 0.82 0.07 -35.32
C SER B 187 1.34 -0.68 -36.54
N PHE B 188 2.08 -1.78 -36.36
CA PHE B 188 2.43 -2.62 -37.48
C PHE B 188 1.19 -3.37 -38.01
N PHE B 189 0.29 -3.74 -37.11
CA PHE B 189 -0.86 -4.51 -37.57
C PHE B 189 -1.89 -3.65 -38.28
N SER B 190 -2.04 -2.41 -37.85
CA SER B 190 -3.13 -1.58 -38.39
C SER B 190 -2.82 -0.93 -39.72
N GLU B 191 -3.77 -1.00 -40.65
CA GLU B 191 -3.63 -0.31 -41.93
C GLU B 191 -3.69 1.21 -41.79
N HIS B 192 -4.17 1.71 -40.65
CA HIS B 192 -4.16 3.16 -40.41
C HIS B 192 -2.73 3.70 -40.35
N SER B 193 -1.86 2.91 -39.72
CA SER B 193 -0.50 3.37 -39.41
C SER B 193 0.58 2.69 -40.24
N ASN B 194 0.26 1.55 -40.84
CA ASN B 194 1.24 0.79 -41.60
C ASN B 194 0.93 0.91 -43.09
N LYS B 195 1.72 1.73 -43.75
CA LYS B 195 1.64 1.92 -45.20
C LYS B 195 2.85 1.33 -45.91
N ARG B 196 3.56 0.43 -45.25
CA ARG B 196 4.77 -0.13 -45.85
C ARG B 196 4.45 -0.98 -47.09
N THR B 197 5.42 -1.08 -47.99
CA THR B 197 5.26 -1.90 -49.17
C THR B 197 6.30 -3.01 -49.23
N ASP B 198 7.06 -3.18 -48.14
CA ASP B 198 7.99 -4.29 -48.07
C ASP B 198 7.33 -5.49 -47.37
N ALA B 199 8.13 -6.40 -46.83
CA ALA B 199 7.59 -7.63 -46.25
C ALA B 199 6.77 -7.39 -44.98
N TYR B 200 6.80 -6.16 -44.46
CA TYR B 200 6.14 -5.87 -43.19
C TYR B 200 4.92 -4.97 -43.32
N GLY B 201 4.43 -4.78 -44.55
CA GLY B 201 3.16 -4.09 -44.76
C GLY B 201 2.46 -4.54 -46.03
N GLY B 202 1.20 -4.15 -46.19
CA GLY B 202 0.50 -4.30 -47.47
C GLY B 202 -0.37 -5.54 -47.70
N SER B 203 -0.32 -6.49 -46.78
CA SER B 203 -1.20 -7.67 -46.76
C SER B 203 -1.40 -8.06 -45.29
N PHE B 204 -2.37 -8.93 -45.01
CA PHE B 204 -2.56 -9.43 -43.66
C PHE B 204 -1.31 -10.14 -43.16
N ASP B 205 -0.75 -11.02 -44.00
CA ASP B 205 0.45 -11.74 -43.61
C ASP B 205 1.58 -10.78 -43.30
N ASN B 206 1.72 -9.73 -44.11
CA ASN B 206 2.84 -8.82 -43.95
C ASN B 206 2.66 -7.91 -42.70
N ARG B 207 1.44 -7.46 -42.45
CA ARG B 207 1.16 -6.62 -41.28
C ARG B 207 1.32 -7.41 -40.00
N SER B 208 1.00 -8.70 -40.07
CA SER B 208 1.13 -9.59 -38.92
CA SER B 208 1.13 -9.59 -38.92
C SER B 208 2.58 -9.97 -38.63
N ARG B 209 3.44 -9.80 -39.64
CA ARG B 209 4.79 -10.32 -39.58
C ARG B 209 5.63 -9.84 -38.38
N PHE B 210 5.62 -8.54 -38.12
CA PHE B 210 6.43 -8.01 -37.02
C PHE B 210 5.99 -8.69 -35.70
N LEU B 211 4.69 -8.79 -35.51
CA LEU B 211 4.15 -9.32 -34.27
C LEU B 211 4.46 -10.79 -34.11
N LEU B 212 4.27 -11.57 -35.17
CA LEU B 212 4.53 -13.00 -35.13
C LEU B 212 6.03 -13.31 -35.04
N GLU B 213 6.87 -12.55 -35.73
CA GLU B 213 8.32 -12.77 -35.64
C GLU B 213 8.84 -12.42 -34.23
N THR B 214 8.29 -11.37 -33.64
CA THR B 214 8.70 -10.97 -32.31
C THR B 214 8.25 -12.04 -31.31
N LEU B 215 7.00 -12.49 -31.43
CA LEU B 215 6.54 -13.58 -30.56
C LEU B 215 7.45 -14.80 -30.68
N ALA B 216 7.80 -15.18 -31.91
CA ALA B 216 8.64 -16.37 -32.12
C ALA B 216 10.02 -16.19 -31.52
N ALA B 217 10.57 -14.99 -31.64
CA ALA B 217 11.91 -14.73 -31.15
C ALA B 217 11.93 -14.77 -29.62
N VAL B 218 10.89 -14.20 -29.01
CA VAL B 218 10.75 -14.26 -27.56
C VAL B 218 10.52 -15.68 -27.08
N ARG B 219 9.75 -16.44 -27.82
CA ARG B 219 9.43 -17.80 -27.43
C ARG B 219 10.73 -18.65 -27.26
N GLU B 220 11.77 -18.28 -28.00
CA GLU B 220 13.04 -19.01 -27.93
C GLU B 220 13.72 -18.84 -26.60
N VAL B 221 13.47 -17.73 -25.92
CA VAL B 221 14.19 -17.47 -24.68
C VAL B 221 13.30 -17.57 -23.44
N TRP B 222 12.00 -17.43 -23.63
CA TRP B 222 11.07 -17.44 -22.51
C TRP B 222 10.76 -18.90 -22.11
N PRO B 223 10.90 -19.26 -20.83
CA PRO B 223 10.71 -20.68 -20.49
C PRO B 223 9.35 -21.23 -20.89
N GLU B 224 9.36 -22.45 -21.40
CA GLU B 224 8.13 -23.06 -21.86
C GLU B 224 7.17 -23.31 -20.71
N ASN B 225 7.66 -23.33 -19.47
CA ASN B 225 6.78 -23.68 -18.35
C ASN B 225 6.21 -22.43 -17.66
N LEU B 226 6.45 -21.26 -18.24
CA LEU B 226 5.91 -20.00 -17.68
C LEU B 226 5.02 -19.36 -18.75
N PRO B 227 3.85 -18.83 -18.34
CA PRO B 227 2.95 -18.23 -19.34
C PRO B 227 3.57 -17.14 -20.20
N LEU B 228 3.40 -17.33 -21.50
CA LEU B 228 3.80 -16.38 -22.53
C LEU B 228 2.53 -15.73 -23.05
N THR B 229 2.36 -14.43 -22.78
CA THR B 229 1.09 -13.76 -23.12
C THR B 229 1.36 -12.49 -23.92
N ALA B 230 0.29 -11.92 -24.46
CA ALA B 230 0.40 -10.64 -25.15
C ALA B 230 -0.89 -9.86 -24.93
N ARG B 231 -0.77 -8.55 -25.01
CA ARG B 231 -1.93 -7.66 -25.06
C ARG B 231 -2.09 -7.17 -26.49
N PHE B 232 -3.32 -7.18 -26.99
CA PHE B 232 -3.58 -6.87 -28.38
C PHE B 232 -4.91 -6.17 -28.50
N GLY B 233 -4.93 -5.09 -29.27
CA GLY B 233 -6.15 -4.33 -29.52
C GLY B 233 -6.87 -4.95 -30.70
N VAL B 234 -8.05 -5.52 -30.47
CA VAL B 234 -8.68 -6.36 -31.48
C VAL B 234 -9.70 -5.60 -32.33
N LEU B 235 -10.06 -4.40 -31.93
CA LEU B 235 -10.83 -3.49 -32.78
C LEU B 235 -10.51 -2.06 -32.39
N GLU B 236 -10.90 -1.11 -33.23
CA GLU B 236 -10.62 0.30 -33.02
C GLU B 236 -11.83 1.18 -32.72
N TYR B 237 -13.01 0.67 -33.07
CA TYR B 237 -14.26 1.48 -33.05
C TYR B 237 -14.10 2.65 -34.01
N ASP B 238 -13.67 2.29 -35.22
CA ASP B 238 -13.35 3.24 -36.29
C ASP B 238 -14.23 3.04 -37.51
N GLY B 239 -15.37 2.37 -37.32
CA GLY B 239 -16.25 2.05 -38.44
C GLY B 239 -15.80 0.89 -39.30
N ARG B 240 -14.72 0.21 -38.89
CA ARG B 240 -14.19 -0.96 -39.59
C ARG B 240 -14.18 -2.21 -38.67
N ASP B 241 -15.03 -2.23 -37.65
CA ASP B 241 -14.94 -3.22 -36.58
C ASP B 241 -15.15 -4.67 -37.02
N GLU B 242 -16.08 -4.89 -37.94
CA GLU B 242 -16.36 -6.25 -38.35
C GLU B 242 -15.14 -6.90 -39.01
N GLN B 243 -14.54 -6.18 -39.95
CA GLN B 243 -13.40 -6.70 -40.67
C GLN B 243 -12.18 -6.76 -39.75
N THR B 244 -12.04 -5.76 -38.90
CA THR B 244 -10.87 -5.67 -38.02
C THR B 244 -10.91 -6.78 -36.98
N LEU B 245 -12.08 -7.03 -36.40
CA LEU B 245 -12.19 -8.08 -35.41
C LEU B 245 -11.92 -9.45 -36.05
N GLU B 246 -12.37 -9.66 -37.29
CA GLU B 246 -12.14 -10.94 -37.96
C GLU B 246 -10.65 -11.16 -38.17
N GLU B 247 -9.94 -10.13 -38.62
CA GLU B 247 -8.49 -10.24 -38.82
C GLU B 247 -7.78 -10.41 -37.48
N SER B 248 -8.22 -9.68 -36.47
CA SER B 248 -7.57 -9.79 -35.17
C SER B 248 -7.70 -11.18 -34.57
N ILE B 249 -8.87 -11.79 -34.72
CA ILE B 249 -9.09 -13.14 -34.22
C ILE B 249 -8.25 -14.14 -34.99
N GLU B 250 -8.09 -13.93 -36.29
CA GLU B 250 -7.22 -14.82 -37.06
C GLU B 250 -5.78 -14.65 -36.59
N LEU B 251 -5.36 -13.43 -36.28
CA LEU B 251 -4.00 -13.25 -35.78
C LEU B 251 -3.86 -13.93 -34.43
N ALA B 252 -4.91 -13.85 -33.60
CA ALA B 252 -4.88 -14.54 -32.32
C ALA B 252 -4.72 -16.06 -32.51
N ARG B 253 -5.34 -16.61 -33.55
CA ARG B 253 -5.15 -18.02 -33.84
C ARG B 253 -3.69 -18.32 -34.19
N ARG B 254 -3.04 -17.40 -34.86
CA ARG B 254 -1.65 -17.60 -35.22
C ARG B 254 -0.75 -17.39 -34.02
N PHE B 255 -1.15 -16.51 -33.11
CA PHE B 255 -0.44 -16.39 -31.84
C PHE B 255 -0.49 -17.73 -31.12
N LYS B 256 -1.67 -18.35 -31.08
CA LYS B 256 -1.80 -19.63 -30.41
C LYS B 256 -0.88 -20.68 -31.05
N ALA B 257 -0.90 -20.73 -32.36
CA ALA B 257 -0.03 -21.67 -33.10
C ALA B 257 1.44 -21.41 -32.78
N GLY B 258 1.75 -20.17 -32.40
CA GLY B 258 3.09 -19.75 -32.06
C GLY B 258 3.42 -19.83 -30.59
N GLY B 259 2.57 -20.50 -29.81
CA GLY B 259 2.87 -20.77 -28.41
C GLY B 259 2.33 -19.77 -27.38
N LEU B 260 1.49 -18.85 -27.82
CA LEU B 260 0.88 -17.92 -26.86
C LEU B 260 -0.09 -18.67 -25.93
N ASP B 261 0.03 -18.41 -24.64
CA ASP B 261 -0.78 -19.09 -23.63
C ASP B 261 -2.06 -18.37 -23.24
N LEU B 262 -2.07 -17.04 -23.36
CA LEU B 262 -3.22 -16.25 -22.96
C LEU B 262 -3.14 -14.92 -23.67
N LEU B 263 -4.29 -14.38 -24.05
CA LEU B 263 -4.38 -13.09 -24.70
C LEU B 263 -5.13 -12.08 -23.83
N SER B 264 -4.50 -10.95 -23.58
CA SER B 264 -5.16 -9.82 -22.92
C SER B 264 -5.80 -9.00 -24.03
N VAL B 265 -7.13 -8.97 -24.04
CA VAL B 265 -7.92 -8.41 -25.12
C VAL B 265 -8.22 -6.95 -24.85
N SER B 266 -7.83 -6.07 -25.76
CA SER B 266 -8.05 -4.65 -25.54
C SER B 266 -8.50 -3.95 -26.82
N VAL B 267 -8.41 -2.63 -26.82
CA VAL B 267 -8.76 -1.80 -27.95
C VAL B 267 -7.49 -1.25 -28.58
N GLY B 268 -7.55 -0.95 -29.87
CA GLY B 268 -6.35 -0.54 -30.59
C GLY B 268 -5.78 0.81 -30.21
N PHE B 269 -6.64 1.83 -30.01
CA PHE B 269 -6.18 3.22 -29.81
C PHE B 269 -5.13 3.63 -30.85
N THR B 270 -5.28 3.16 -32.08
CA THR B 270 -4.23 3.38 -33.08
C THR B 270 -4.32 4.81 -33.64
N ILE B 271 -5.55 5.31 -33.77
CA ILE B 271 -5.80 6.66 -34.23
C ILE B 271 -6.79 7.36 -33.30
N PRO B 272 -6.83 8.70 -33.35
CA PRO B 272 -7.77 9.42 -32.47
C PRO B 272 -9.20 9.49 -33.03
N GLU B 273 -9.38 9.25 -34.33
CA GLU B 273 -10.71 9.36 -34.95
C GLU B 273 -11.56 8.11 -34.75
N THR B 274 -12.04 7.91 -33.52
CA THR B 274 -12.76 6.72 -33.15
C THR B 274 -13.95 7.11 -32.29
N ASN B 275 -14.83 6.14 -32.06
CA ASN B 275 -15.97 6.34 -31.18
C ASN B 275 -16.11 5.13 -30.27
N ILE B 276 -15.29 5.11 -29.23
CA ILE B 276 -15.21 3.97 -28.33
C ILE B 276 -16.34 4.04 -27.32
N PRO B 277 -17.16 2.98 -27.24
CA PRO B 277 -18.32 3.04 -26.35
C PRO B 277 -18.01 2.65 -24.91
N TRP B 278 -17.21 3.47 -24.23
CA TRP B 278 -16.84 3.22 -22.85
C TRP B 278 -18.04 2.94 -21.98
N GLY B 279 -17.92 1.92 -21.15
CA GLY B 279 -18.95 1.59 -20.19
C GLY B 279 -18.51 0.42 -19.37
N PRO B 280 -19.24 0.13 -18.30
CA PRO B 280 -18.89 -0.95 -17.38
C PRO B 280 -18.81 -2.31 -18.08
N ALA B 281 -17.65 -2.96 -17.99
CA ALA B 281 -17.48 -4.29 -18.59
C ALA B 281 -17.76 -4.31 -20.11
N PHE B 282 -17.58 -3.19 -20.80
CA PHE B 282 -17.98 -3.18 -22.21
C PHE B 282 -17.16 -4.12 -23.08
N MET B 283 -15.98 -4.52 -22.61
CA MET B 283 -15.14 -5.44 -23.37
C MET B 283 -15.55 -6.90 -23.21
N GLY B 284 -16.44 -7.19 -22.28
CA GLY B 284 -16.74 -8.57 -21.95
C GLY B 284 -17.16 -9.39 -23.15
N PRO B 285 -18.12 -8.88 -23.93
CA PRO B 285 -18.57 -9.69 -25.08
C PRO B 285 -17.53 -9.86 -26.18
N ILE B 286 -16.66 -8.86 -26.35
CA ILE B 286 -15.56 -8.90 -27.31
C ILE B 286 -14.54 -9.95 -26.89
N ALA B 287 -14.14 -9.89 -25.62
CA ALA B 287 -13.19 -10.87 -25.08
C ALA B 287 -13.75 -12.29 -25.20
N GLU B 288 -15.05 -12.42 -24.94
CA GLU B 288 -15.67 -13.74 -25.07
C GLU B 288 -15.57 -14.27 -26.49
N ARG B 289 -15.82 -13.42 -27.47
CA ARG B 289 -15.77 -13.85 -28.85
C ARG B 289 -14.34 -14.30 -29.19
N VAL B 290 -13.35 -13.52 -28.76
CA VAL B 290 -11.96 -13.88 -29.06
C VAL B 290 -11.61 -15.21 -28.39
N ARG B 291 -11.99 -15.33 -27.13
CA ARG B 291 -11.73 -16.53 -26.35
C ARG B 291 -12.27 -17.79 -27.02
N ARG B 292 -13.51 -17.71 -27.46
CA ARG B 292 -14.18 -18.84 -28.10
C ARG B 292 -13.69 -19.12 -29.54
N GLU B 293 -13.57 -18.08 -30.36
CA GLU B 293 -13.17 -18.28 -31.74
C GLU B 293 -11.70 -18.60 -31.93
N ALA B 294 -10.83 -18.02 -31.10
CA ALA B 294 -9.42 -18.35 -31.18
C ALA B 294 -9.02 -19.49 -30.24
N LYS B 295 -9.94 -19.91 -29.36
CA LYS B 295 -9.70 -20.98 -28.40
C LYS B 295 -8.45 -20.75 -27.56
N LEU B 296 -8.41 -19.57 -26.96
CA LEU B 296 -7.30 -19.11 -26.16
C LEU B 296 -7.88 -18.56 -24.86
N PRO B 297 -7.25 -18.85 -23.71
CA PRO B 297 -7.63 -18.11 -22.49
C PRO B 297 -7.47 -16.61 -22.67
N VAL B 298 -8.30 -15.82 -21.99
CA VAL B 298 -8.23 -14.37 -22.13
C VAL B 298 -8.40 -13.67 -20.80
N THR B 299 -7.87 -12.46 -20.75
CA THR B 299 -8.28 -11.47 -19.78
C THR B 299 -8.70 -10.19 -20.51
N SER B 300 -9.43 -9.33 -19.80
CA SER B 300 -9.69 -7.98 -20.30
C SER B 300 -9.93 -7.07 -19.10
N ALA B 301 -10.19 -5.80 -19.40
CA ALA B 301 -10.26 -4.76 -18.41
C ALA B 301 -11.24 -3.70 -18.87
N TRP B 302 -11.32 -2.67 -18.02
CA TRP B 302 -12.14 -1.46 -18.17
CA TRP B 302 -12.06 -1.45 -18.28
C TRP B 302 -13.46 -1.62 -17.48
N GLY B 303 -13.50 -1.20 -16.21
CA GLY B 303 -14.72 -1.22 -15.41
C GLY B 303 -15.03 -2.33 -14.41
N PHE B 304 -14.15 -3.32 -14.27
CA PHE B 304 -14.43 -4.49 -13.43
C PHE B 304 -14.13 -4.30 -11.97
N GLY B 305 -13.78 -3.07 -11.57
CA GLY B 305 -13.69 -2.68 -10.18
C GLY B 305 -14.97 -2.85 -9.37
N THR B 306 -16.08 -3.13 -10.05
CA THR B 306 -17.30 -3.50 -9.35
C THR B 306 -17.26 -5.02 -9.21
N PRO B 307 -17.11 -5.55 -7.98
CA PRO B 307 -16.90 -6.99 -7.80
C PRO B 307 -17.94 -7.87 -8.51
N GLN B 308 -19.19 -7.42 -8.55
CA GLN B 308 -20.21 -8.22 -9.21
C GLN B 308 -19.98 -8.32 -10.73
N LEU B 309 -19.44 -7.28 -11.34
CA LEU B 309 -19.13 -7.33 -12.77
C LEU B 309 -18.02 -8.35 -13.05
N ALA B 310 -17.01 -8.38 -12.18
CA ALA B 310 -15.91 -9.33 -12.33
C ALA B 310 -16.44 -10.76 -12.22
N GLU B 311 -17.25 -11.01 -11.18
CA GLU B 311 -17.84 -12.30 -10.96
C GLU B 311 -18.69 -12.72 -12.15
N ALA B 312 -19.52 -11.81 -12.63
CA ALA B 312 -20.44 -12.11 -13.73
C ALA B 312 -19.67 -12.53 -15.00
N ALA B 313 -18.59 -11.82 -15.29
CA ALA B 313 -17.81 -12.09 -16.49
C ALA B 313 -17.18 -13.49 -16.45
N LEU B 314 -16.74 -13.91 -15.26
CA LEU B 314 -16.17 -15.24 -15.11
C LEU B 314 -17.24 -16.31 -15.25
N GLN B 315 -18.37 -16.07 -14.60
CA GLN B 315 -19.44 -17.07 -14.60
C GLN B 315 -19.97 -17.26 -16.01
N ALA B 316 -19.97 -16.19 -16.79
CA ALA B 316 -20.41 -16.22 -18.18
C ALA B 316 -19.36 -16.78 -19.17
N ASN B 317 -18.23 -17.22 -18.63
CA ASN B 317 -17.09 -17.68 -19.41
C ASN B 317 -16.68 -16.68 -20.50
N GLN B 318 -16.73 -15.40 -20.15
CA GLN B 318 -16.25 -14.35 -21.04
C GLN B 318 -14.75 -14.15 -20.88
N LEU B 319 -14.28 -14.34 -19.65
CA LEU B 319 -12.87 -14.15 -19.27
C LEU B 319 -12.40 -15.32 -18.44
N ASP B 320 -11.09 -15.55 -18.46
CA ASP B 320 -10.47 -16.49 -17.53
C ASP B 320 -9.88 -15.79 -16.31
N LEU B 321 -9.39 -14.57 -16.52
CA LEU B 321 -8.92 -13.70 -15.45
C LEU B 321 -9.56 -12.34 -15.66
N VAL B 322 -9.88 -11.66 -14.56
CA VAL B 322 -10.43 -10.31 -14.61
C VAL B 322 -9.33 -9.33 -14.21
N SER B 323 -9.00 -8.42 -15.10
CA SER B 323 -8.01 -7.38 -14.81
C SER B 323 -8.69 -6.16 -14.21
N VAL B 324 -8.19 -5.72 -13.05
CA VAL B 324 -8.76 -4.62 -12.30
C VAL B 324 -7.64 -3.62 -12.03
N GLY B 325 -7.71 -2.48 -12.72
CA GLY B 325 -6.63 -1.50 -12.70
C GLY B 325 -6.84 -0.33 -11.74
N ARG B 326 -7.62 0.65 -12.17
CA ARG B 326 -7.78 1.89 -11.39
C ARG B 326 -8.32 1.63 -9.99
N ALA B 327 -9.17 0.62 -9.80
CA ALA B 327 -9.68 0.33 -8.45
C ALA B 327 -8.52 -0.04 -7.50
N HIS B 328 -7.44 -0.62 -8.02
CA HIS B 328 -6.27 -0.92 -7.20
C HIS B 328 -5.35 0.30 -6.93
N LEU B 329 -5.42 1.33 -7.79
CA LEU B 329 -4.79 2.60 -7.48
C LEU B 329 -5.54 3.29 -6.34
N ALA B 330 -6.86 3.23 -6.39
CA ALA B 330 -7.67 3.81 -5.33
C ALA B 330 -7.49 3.06 -4.02
N ASP B 331 -7.45 1.73 -4.10
CA ASP B 331 -7.38 0.86 -2.92
C ASP B 331 -6.49 -0.33 -3.24
N PRO B 332 -5.24 -0.31 -2.76
CA PRO B 332 -4.31 -1.41 -3.03
C PRO B 332 -4.81 -2.74 -2.52
N HIS B 333 -5.79 -2.71 -1.61
CA HIS B 333 -6.36 -3.93 -1.06
C HIS B 333 -7.71 -4.26 -1.68
N TRP B 334 -7.92 -3.85 -2.94
CA TRP B 334 -9.20 -4.08 -3.61
C TRP B 334 -9.60 -5.56 -3.59
N ALA B 335 -8.64 -6.47 -3.69
CA ALA B 335 -9.04 -7.88 -3.72
C ALA B 335 -9.76 -8.28 -2.44
N TYR B 336 -9.29 -7.78 -1.30
CA TYR B 336 -9.98 -7.96 -0.04
C TYR B 336 -11.41 -7.36 -0.05
N PHE B 337 -11.53 -6.14 -0.60
CA PHE B 337 -12.82 -5.49 -0.75
C PHE B 337 -13.76 -6.39 -1.56
N ALA B 338 -13.24 -6.93 -2.66
CA ALA B 338 -14.06 -7.81 -3.50
C ALA B 338 -14.48 -9.07 -2.77
N ALA B 339 -13.57 -9.64 -1.99
CA ALA B 339 -13.87 -10.87 -1.25
C ALA B 339 -14.99 -10.60 -0.28
N LYS B 340 -14.96 -9.44 0.37
CA LYS B 340 -16.02 -9.10 1.30
C LYS B 340 -17.32 -8.92 0.55
N GLU B 341 -17.26 -8.10 -0.50
CA GLU B 341 -18.46 -7.78 -1.26
C GLU B 341 -19.14 -9.04 -1.81
N LEU B 342 -18.35 -10.05 -2.17
CA LEU B 342 -18.91 -11.27 -2.75
C LEU B 342 -19.24 -12.34 -1.70
N GLY B 343 -19.03 -12.00 -0.43
CA GLY B 343 -19.38 -12.90 0.65
C GLY B 343 -18.50 -14.12 0.77
N VAL B 344 -17.24 -13.99 0.38
CA VAL B 344 -16.28 -15.06 0.52
C VAL B 344 -16.07 -15.38 1.99
N GLU B 345 -16.02 -16.67 2.31
CA GLU B 345 -15.75 -17.11 3.67
C GLU B 345 -14.35 -16.70 4.07
N LYS B 346 -14.21 -16.21 5.29
CA LYS B 346 -12.92 -15.75 5.80
C LYS B 346 -12.30 -14.71 4.86
N ALA B 347 -13.11 -13.76 4.41
CA ALA B 347 -12.68 -12.79 3.41
C ALA B 347 -11.47 -12.00 3.86
N SER B 348 -11.36 -11.72 5.16
CA SER B 348 -10.24 -10.90 5.61
C SER B 348 -8.92 -11.62 5.39
N TRP B 349 -8.94 -12.94 5.28
CA TRP B 349 -7.71 -13.70 5.12
C TRP B 349 -7.28 -13.73 3.63
N THR B 350 -7.94 -12.90 2.84
CA THR B 350 -7.39 -12.48 1.56
C THR B 350 -6.09 -11.71 1.79
N LEU B 351 -6.02 -11.06 2.96
CA LEU B 351 -4.87 -10.26 3.37
C LEU B 351 -3.94 -11.04 4.29
N PRO B 352 -2.69 -10.58 4.42
CA PRO B 352 -1.81 -11.22 5.40
C PRO B 352 -2.30 -11.06 6.85
N ALA B 353 -1.85 -11.96 7.72
CA ALA B 353 -2.35 -12.06 9.10
C ALA B 353 -2.38 -10.74 9.90
N PRO B 354 -1.34 -9.89 9.77
CA PRO B 354 -1.35 -8.68 10.61
C PRO B 354 -2.51 -7.76 10.31
N TYR B 355 -3.13 -7.95 9.14
CA TYR B 355 -4.39 -7.26 8.81
C TYR B 355 -5.60 -8.18 9.04
N ALA B 356 -5.50 -9.40 8.53
CA ALA B 356 -6.65 -10.31 8.48
C ALA B 356 -7.22 -10.58 9.87
N HIS B 357 -6.34 -10.76 10.84
CA HIS B 357 -6.79 -11.10 12.17
C HIS B 357 -7.77 -10.07 12.71
N TRP B 358 -7.47 -8.80 12.46
CA TRP B 358 -8.23 -7.71 13.06
C TRP B 358 -9.46 -7.34 12.28
N LEU B 359 -9.50 -7.75 11.02
CA LEU B 359 -10.60 -7.37 10.15
C LEU B 359 -11.66 -8.45 10.10
N GLU B 360 -11.38 -9.64 10.63
CA GLU B 360 -12.34 -10.74 10.61
C GLU B 360 -13.73 -10.28 11.02
#